data_2C5C
#
_entry.id   2C5C
#
_cell.length_a   114.313
_cell.length_b   114.313
_cell.length_c   406.936
_cell.angle_alpha   90.00
_cell.angle_beta   90.00
_cell.angle_gamma   120.00
#
_symmetry.space_group_name_H-M   'H 3 2'
#
loop_
_entity.id
_entity.type
_entity.pdbx_description
1 polymer 'SHIGA-LIKE TOXIN 1 B SUBUNIT'
2 branched alpha-D-galactopyranose-(1-4)-beta-D-galactopyranose-(1-4)-alpha-D-glucopyranose
3 branched alpha-D-galactopyranose-(1-4)-alpha-D-galactopyranose
4 branched alpha-D-galactopyranose-(1-4)-beta-D-galactopyranose-(1-4)-beta-D-glucopyranose
5 branched alpha-D-galactopyranose-(1-4)-alpha-D-galactopyranose-(1-4)-beta-D-glucopyranose
6 non-polymer 'DIETHYL PROPANE-1,3-DIYLBISCARBAMATE'
7 non-polymer alpha-D-galactopyranose
8 non-polymer 'SULFATE ION'
9 water water
#
_entity_poly.entity_id   1
_entity_poly.type   'polypeptide(L)'
_entity_poly.pdbx_seq_one_letter_code
;TPDCVTGKVEYTKYNDDDTFTVKVGDKELFTNRWNLQSLLLSAQITGMTVTIKTNACHNGGGFSEVIFR
;
_entity_poly.pdbx_strand_id   A,B,C,D,E,F,G,H,I,J
#
loop_
_chem_comp.id
_chem_comp.type
_chem_comp.name
_chem_comp.formula
BGC D-saccharide, beta linking beta-D-glucopyranose 'C6 H12 O6'
GAL D-saccharide, beta linking beta-D-galactopyranose 'C6 H12 O6'
GLA D-saccharide, alpha linking alpha-D-galactopyranose 'C6 H12 O6'
GLC D-saccharide, alpha linking alpha-D-glucopyranose 'C6 H12 O6'
S10 non-polymer 'DIETHYL PROPANE-1,3-DIYLBISCARBAMATE' 'C9 H18 N2 O4'
SO4 non-polymer 'SULFATE ION' 'O4 S -2'
#
# COMPACT_ATOMS: atom_id res chain seq x y z
N THR A 1 1.40 -16.50 -2.27
CA THR A 1 0.12 -17.01 -1.71
C THR A 1 -0.49 -18.14 -2.56
N PRO A 2 -1.07 -19.16 -1.95
CA PRO A 2 -1.68 -20.28 -2.71
C PRO A 2 -2.92 -19.86 -3.46
N ASP A 3 -3.12 -20.51 -4.63
CA ASP A 3 -4.33 -20.43 -5.42
C ASP A 3 -5.45 -20.90 -4.54
N CYS A 4 -6.63 -20.39 -4.77
CA CYS A 4 -7.79 -20.72 -3.91
C CYS A 4 -8.96 -21.18 -4.72
N VAL A 5 -9.37 -20.35 -5.66
CA VAL A 5 -10.35 -20.74 -6.67
C VAL A 5 -10.02 -20.12 -8.02
N THR A 6 -10.48 -20.80 -9.08
CA THR A 6 -10.43 -20.25 -10.40
C THR A 6 -11.78 -20.38 -11.06
N GLY A 7 -12.22 -19.38 -11.80
CA GLY A 7 -13.46 -19.47 -12.54
C GLY A 7 -13.96 -18.12 -13.01
N LYS A 8 -15.15 -18.10 -13.59
CA LYS A 8 -15.81 -16.84 -13.85
C LYS A 8 -16.44 -16.38 -12.56
N VAL A 9 -16.72 -15.07 -12.50
CA VAL A 9 -17.35 -14.49 -11.35
C VAL A 9 -18.86 -14.74 -11.41
N GLU A 10 -19.36 -15.67 -10.62
CA GLU A 10 -20.80 -15.97 -10.56
C GLU A 10 -21.67 -14.78 -10.11
N TYR A 11 -21.29 -14.08 -9.04
CA TYR A 11 -21.96 -12.85 -8.66
C TYR A 11 -21.06 -12.02 -7.80
N THR A 12 -21.32 -10.72 -7.69
CA THR A 12 -20.65 -9.89 -6.68
C THR A 12 -21.64 -9.32 -5.67
N LYS A 13 -21.17 -8.84 -4.50
CA LYS A 13 -22.07 -8.14 -3.54
C LYS A 13 -21.35 -6.99 -2.85
N TYR A 14 -21.89 -5.78 -2.99
CA TYR A 14 -21.39 -4.63 -2.23
C TYR A 14 -21.94 -4.79 -0.83
N ASN A 15 -21.08 -4.71 0.18
CA ASN A 15 -21.45 -4.92 1.61
C ASN A 15 -21.60 -3.63 2.42
N ASP A 16 -22.25 -3.75 3.57
CA ASP A 16 -22.60 -2.59 4.33
C ASP A 16 -21.42 -1.87 4.87
N ASP A 17 -20.26 -2.52 5.05
CA ASP A 17 -18.99 -1.89 5.50
C ASP A 17 -18.00 -1.50 4.38
N ASP A 18 -18.57 -1.23 3.23
CA ASP A 18 -17.78 -0.91 2.04
C ASP A 18 -16.77 -1.97 1.61
N THR A 19 -16.91 -3.22 2.01
CA THR A 19 -16.15 -4.31 1.36
C THR A 19 -16.97 -4.88 0.20
N PHE A 20 -16.35 -5.76 -0.54
CA PHE A 20 -16.87 -6.29 -1.79
C PHE A 20 -16.65 -7.80 -1.74
N THR A 21 -17.77 -8.55 -1.83
CA THR A 21 -17.82 -10.00 -1.89
C THR A 21 -17.96 -10.50 -3.33
N VAL A 22 -17.40 -11.65 -3.58
CA VAL A 22 -17.33 -12.20 -4.87
C VAL A 22 -17.50 -13.77 -4.79
N LYS A 23 -18.24 -14.38 -5.74
CA LYS A 23 -18.42 -15.84 -5.79
C LYS A 23 -17.76 -16.39 -7.03
N VAL A 24 -16.74 -17.19 -6.80
CA VAL A 24 -15.91 -17.80 -7.81
C VAL A 24 -15.63 -19.27 -7.44
N GLY A 25 -15.78 -20.16 -8.38
CA GLY A 25 -15.76 -21.54 -8.00
C GLY A 25 -16.85 -21.75 -6.99
N ASP A 26 -16.54 -22.51 -5.93
CA ASP A 26 -17.48 -22.83 -4.79
C ASP A 26 -17.26 -22.02 -3.52
N LYS A 27 -16.60 -20.86 -3.65
CA LYS A 27 -16.19 -20.05 -2.49
C LYS A 27 -16.74 -18.62 -2.63
N GLU A 28 -17.25 -18.10 -1.50
CA GLU A 28 -17.68 -16.69 -1.36
C GLU A 28 -16.62 -16.03 -0.53
N LEU A 29 -15.98 -15.00 -1.06
CA LEU A 29 -14.84 -14.36 -0.40
C LEU A 29 -15.03 -12.86 -0.48
N PHE A 30 -14.31 -12.13 0.35
CA PHE A 30 -14.37 -10.64 0.32
C PHE A 30 -13.01 -9.92 0.30
N THR A 31 -13.04 -8.70 -0.21
CA THR A 31 -11.86 -7.89 -0.14
C THR A 31 -12.18 -6.49 0.32
N ASN A 32 -11.34 -6.00 1.27
CA ASN A 32 -11.40 -4.64 1.76
C ASN A 32 -10.63 -3.60 0.88
N ARG A 33 -10.15 -4.03 -0.29
CA ARG A 33 -9.50 -3.12 -1.29
C ARG A 33 -10.54 -2.46 -2.22
N TRP A 34 -10.65 -1.15 -2.15
CA TRP A 34 -11.69 -0.49 -2.87
C TRP A 34 -11.33 -0.54 -4.32
N ASN A 35 -10.08 -0.37 -4.66
CA ASN A 35 -9.58 -0.52 -6.06
C ASN A 35 -10.15 -1.72 -6.87
N LEU A 36 -10.33 -2.87 -6.18
CA LEU A 36 -10.71 -4.12 -6.82
C LEU A 36 -12.18 -4.14 -7.19
N GLN A 37 -13.00 -3.25 -6.57
CA GLN A 37 -14.48 -3.25 -6.76
C GLN A 37 -14.92 -3.16 -8.28
N SER A 38 -14.47 -2.13 -8.95
CA SER A 38 -14.80 -1.99 -10.34
C SER A 38 -13.98 -2.92 -11.32
N LEU A 39 -12.83 -3.41 -10.84
CA LEU A 39 -12.09 -4.38 -11.64
C LEU A 39 -12.84 -5.68 -11.68
N LEU A 40 -13.23 -6.15 -10.49
CA LEU A 40 -14.03 -7.38 -10.37
C LEU A 40 -15.40 -7.31 -11.04
N LEU A 41 -16.06 -6.15 -11.02
CA LEU A 41 -17.34 -5.98 -11.68
C LEU A 41 -17.17 -6.01 -13.19
N SER A 42 -16.05 -5.47 -13.67
CA SER A 42 -15.74 -5.55 -15.11
C SER A 42 -15.47 -6.96 -15.60
N ALA A 43 -14.83 -7.74 -14.77
CA ALA A 43 -14.53 -9.12 -15.05
C ALA A 43 -15.81 -9.92 -15.09
N GLN A 44 -16.72 -9.57 -14.20
CA GLN A 44 -18.01 -10.23 -14.12
C GLN A 44 -18.79 -9.91 -15.37
N ILE A 45 -18.85 -8.64 -15.74
CA ILE A 45 -19.64 -8.21 -16.85
C ILE A 45 -19.12 -8.80 -18.13
N THR A 46 -17.80 -8.78 -18.34
CA THR A 46 -17.18 -9.26 -19.57
C THR A 46 -16.88 -10.77 -19.60
N GLY A 47 -17.20 -11.51 -18.53
CA GLY A 47 -17.02 -12.97 -18.54
C GLY A 47 -15.56 -13.44 -18.50
N MET A 48 -14.71 -12.62 -17.89
CA MET A 48 -13.33 -12.98 -17.62
C MET A 48 -13.35 -14.08 -16.63
N THR A 49 -12.27 -14.89 -16.77
CA THR A 49 -11.86 -15.95 -15.84
C THR A 49 -10.84 -15.40 -14.87
N VAL A 50 -11.17 -15.42 -13.61
CA VAL A 50 -10.21 -14.99 -12.59
C VAL A 50 -9.75 -16.14 -11.72
N THR A 51 -8.61 -15.92 -11.09
CA THR A 51 -8.05 -16.77 -10.08
C THR A 51 -7.89 -15.92 -8.84
N ILE A 52 -8.44 -16.38 -7.73
CA ILE A 52 -8.16 -15.72 -6.44
C ILE A 52 -7.17 -16.51 -5.60
N LYS A 53 -6.17 -15.79 -5.09
CA LYS A 53 -5.05 -16.32 -4.25
C LYS A 53 -5.28 -15.87 -2.78
N THR A 54 -5.54 -16.85 -1.92
CA THR A 54 -5.69 -16.53 -0.50
C THR A 54 -5.46 -17.72 0.39
N ASN A 55 -4.84 -17.45 1.54
CA ASN A 55 -4.60 -18.45 2.57
C ASN A 55 -5.83 -18.68 3.41
N ALA A 56 -6.86 -17.82 3.25
CA ALA A 56 -8.14 -17.94 3.99
C ALA A 56 -9.13 -18.50 3.03
N CYS A 57 -8.87 -19.72 2.60
CA CYS A 57 -9.61 -20.29 1.50
C CYS A 57 -10.85 -21.07 1.87
N HIS A 58 -11.78 -20.40 2.58
CA HIS A 58 -13.11 -20.92 3.01
C HIS A 58 -14.21 -19.93 2.68
N ASN A 59 -15.48 -20.26 2.80
CA ASN A 59 -16.53 -19.22 2.64
C ASN A 59 -16.37 -18.15 3.72
N GLY A 60 -16.54 -16.88 3.35
CA GLY A 60 -16.37 -15.77 4.25
C GLY A 60 -14.95 -15.28 4.44
N GLY A 61 -14.00 -15.90 3.74
CA GLY A 61 -12.59 -15.55 3.89
C GLY A 61 -12.14 -14.29 3.11
N GLY A 62 -11.04 -13.68 3.54
CA GLY A 62 -10.58 -12.51 2.83
C GLY A 62 -9.54 -12.75 1.72
N PHE A 63 -9.49 -11.82 0.79
CA PHE A 63 -8.46 -11.87 -0.23
C PHE A 63 -8.07 -10.44 -0.66
N SER A 64 -6.90 -10.36 -1.25
CA SER A 64 -6.49 -9.17 -1.96
C SER A 64 -5.81 -9.48 -3.28
N GLU A 65 -5.53 -10.73 -3.58
CA GLU A 65 -4.80 -11.05 -4.79
C GLU A 65 -5.72 -11.68 -5.86
N VAL A 66 -5.80 -11.04 -7.00
CA VAL A 66 -6.61 -11.56 -8.10
C VAL A 66 -5.80 -11.52 -9.37
N ILE A 67 -6.01 -12.56 -10.20
CA ILE A 67 -5.41 -12.66 -11.53
C ILE A 67 -6.56 -12.64 -12.57
N PHE A 68 -6.46 -11.72 -13.54
CA PHE A 68 -7.48 -11.55 -14.57
C PHE A 68 -6.98 -12.10 -15.94
N ARG A 69 -7.62 -13.17 -16.42
CA ARG A 69 -7.20 -13.87 -17.63
C ARG A 69 -8.19 -13.59 -18.77
N THR B 1 12.65 7.45 -21.63
CA THR B 1 12.83 6.01 -21.23
C THR B 1 12.75 5.00 -22.39
N PRO B 2 13.63 3.98 -22.44
CA PRO B 2 13.61 3.03 -23.55
C PRO B 2 12.37 2.21 -23.58
N ASP B 3 11.93 1.85 -24.78
CA ASP B 3 10.89 0.83 -24.94
C ASP B 3 11.34 -0.45 -24.29
N CYS B 4 10.40 -1.21 -23.72
CA CYS B 4 10.68 -2.47 -23.03
C CYS B 4 9.90 -3.64 -23.63
N VAL B 5 8.60 -3.55 -23.72
CA VAL B 5 7.85 -4.54 -24.45
C VAL B 5 6.68 -3.91 -25.21
N THR B 6 6.27 -4.58 -26.28
CA THR B 6 5.03 -4.18 -26.97
C THR B 6 4.13 -5.40 -27.18
N GLY B 7 2.84 -5.28 -26.94
CA GLY B 7 1.97 -6.39 -27.20
C GLY B 7 0.66 -6.11 -26.55
N LYS B 8 -0.23 -7.08 -26.68
CA LYS B 8 -1.51 -7.07 -25.99
C LYS B 8 -1.18 -7.49 -24.59
N VAL B 9 -2.09 -7.11 -23.68
CA VAL B 9 -2.04 -7.50 -22.25
C VAL B 9 -2.53 -8.93 -22.04
N GLU B 10 -1.60 -9.86 -21.93
CA GLU B 10 -1.93 -11.28 -21.73
C GLU B 10 -2.79 -11.53 -20.41
N TYR B 11 -2.38 -10.92 -19.30
CA TYR B 11 -3.16 -10.97 -18.07
C TYR B 11 -2.74 -9.81 -17.17
N THR B 12 -3.58 -9.47 -16.20
CA THR B 12 -3.17 -8.54 -15.16
C THR B 12 -3.26 -9.23 -13.86
N LYS B 13 -2.57 -8.72 -12.85
CA LYS B 13 -2.74 -9.18 -11.48
C LYS B 13 -2.74 -8.06 -10.47
N TYR B 14 -3.81 -7.95 -9.63
CA TYR B 14 -3.85 -7.08 -8.43
C TYR B 14 -3.07 -7.74 -7.30
N ASN B 15 -2.14 -6.99 -6.73
CA ASN B 15 -1.18 -7.52 -5.75
C ASN B 15 -1.50 -7.08 -4.29
N ASP B 16 -1.00 -7.84 -3.33
CA ASP B 16 -1.36 -7.63 -1.93
C ASP B 16 -0.98 -6.24 -1.33
N ASP B 17 -0.05 -5.51 -1.96
CA ASP B 17 0.37 -4.11 -1.59
C ASP B 17 -0.29 -3.04 -2.53
N ASP B 18 -1.42 -3.41 -3.11
CA ASP B 18 -2.11 -2.52 -4.01
C ASP B 18 -1.36 -2.11 -5.26
N THR B 19 -0.24 -2.73 -5.58
CA THR B 19 0.37 -2.53 -6.91
C THR B 19 -0.36 -3.40 -7.94
N PHE B 20 -0.03 -3.20 -9.21
CA PHE B 20 -0.74 -3.84 -10.34
C PHE B 20 0.31 -4.36 -11.33
N THR B 21 0.26 -5.68 -11.57
CA THR B 21 1.18 -6.40 -12.46
C THR B 21 0.50 -6.74 -13.74
N VAL B 22 1.29 -6.78 -14.76
CA VAL B 22 0.79 -6.89 -16.14
C VAL B 22 1.71 -7.78 -16.93
N LYS B 23 1.20 -8.63 -17.77
CA LYS B 23 2.06 -9.44 -18.64
C LYS B 23 1.87 -9.01 -20.09
N VAL B 24 2.98 -8.51 -20.65
CA VAL B 24 3.07 -7.97 -21.99
C VAL B 24 4.36 -8.48 -22.68
N GLY B 25 4.26 -8.98 -23.92
CA GLY B 25 5.38 -9.67 -24.49
C GLY B 25 5.74 -10.84 -23.59
N ASP B 26 7.05 -11.00 -23.36
CA ASP B 26 7.64 -12.03 -22.48
C ASP B 26 8.00 -11.53 -21.07
N LYS B 27 7.46 -10.40 -20.67
CA LYS B 27 7.81 -9.77 -19.38
C LYS B 27 6.55 -9.60 -18.46
N GLU B 28 6.76 -9.89 -17.18
CA GLU B 28 5.82 -9.56 -16.17
C GLU B 28 6.41 -8.31 -15.48
N LEU B 29 5.63 -7.21 -15.42
CA LEU B 29 6.09 -5.94 -14.78
C LEU B 29 5.02 -5.38 -13.83
N PHE B 30 5.42 -4.51 -12.91
CA PHE B 30 4.42 -3.90 -12.02
C PHE B 30 4.45 -2.38 -11.96
N THR B 31 3.33 -1.77 -11.57
CA THR B 31 3.27 -0.33 -11.38
C THR B 31 2.56 0.00 -10.06
N ASN B 32 3.21 0.91 -9.33
CA ASN B 32 2.67 1.47 -8.12
C ASN B 32 1.77 2.72 -8.35
N ARG B 33 1.45 3.06 -9.61
CA ARG B 33 0.48 4.12 -9.94
C ARG B 33 -0.95 3.61 -10.06
N TRP B 34 -1.81 4.06 -9.18
CA TRP B 34 -3.15 3.48 -9.02
C TRP B 34 -4.00 3.87 -10.25
N ASN B 35 -3.81 5.10 -10.72
CA ASN B 35 -4.41 5.57 -11.95
C ASN B 35 -4.35 4.58 -13.17
N LEU B 36 -3.28 3.81 -13.30
CA LEU B 36 -3.08 2.94 -14.45
C LEU B 36 -3.85 1.65 -14.33
N GLN B 37 -4.37 1.32 -13.13
CA GLN B 37 -5.04 0.05 -12.88
C GLN B 37 -6.20 -0.20 -13.78
N SER B 38 -7.14 0.72 -13.79
CA SER B 38 -8.30 0.58 -14.65
C SER B 38 -8.03 0.91 -16.12
N LEU B 39 -6.99 1.67 -16.40
CA LEU B 39 -6.64 1.86 -17.81
C LEU B 39 -6.09 0.56 -18.45
N LEU B 40 -5.21 -0.09 -17.72
CA LEU B 40 -4.60 -1.33 -18.16
C LEU B 40 -5.65 -2.42 -18.23
N LEU B 41 -6.60 -2.46 -17.29
CA LEU B 41 -7.65 -3.45 -17.39
C LEU B 41 -8.60 -3.17 -18.61
N SER B 42 -8.83 -1.90 -18.95
CA SER B 42 -9.60 -1.61 -20.10
C SER B 42 -8.90 -1.98 -21.33
N ALA B 43 -7.56 -1.86 -21.36
CA ALA B 43 -6.74 -2.19 -22.55
C ALA B 43 -6.73 -3.66 -22.71
N GLN B 44 -6.69 -4.39 -21.59
CA GLN B 44 -6.75 -5.86 -21.62
C GLN B 44 -8.11 -6.35 -22.20
N ILE B 45 -9.17 -5.80 -21.68
CA ILE B 45 -10.52 -6.18 -22.04
C ILE B 45 -10.81 -5.91 -23.50
N THR B 46 -10.41 -4.75 -24.05
CA THR B 46 -10.73 -4.39 -25.43
C THR B 46 -9.67 -4.84 -26.43
N GLY B 47 -8.61 -5.48 -26.00
CA GLY B 47 -7.59 -6.00 -26.89
C GLY B 47 -6.68 -4.95 -27.49
N MET B 48 -6.51 -3.83 -26.79
CA MET B 48 -5.53 -2.82 -27.18
C MET B 48 -4.13 -3.36 -27.05
N THR B 49 -3.28 -2.85 -27.97
CA THR B 49 -1.85 -3.12 -28.03
C THR B 49 -1.14 -1.98 -27.34
N VAL B 50 -0.40 -2.33 -26.30
CA VAL B 50 0.32 -1.32 -25.50
C VAL B 50 1.82 -1.50 -25.66
N THR B 51 2.52 -0.42 -25.38
CA THR B 51 3.94 -0.44 -25.26
C THR B 51 4.26 0.06 -23.82
N ILE B 52 5.11 -0.68 -23.12
CA ILE B 52 5.56 -0.25 -21.82
C ILE B 52 7.00 0.21 -21.97
N LYS B 53 7.28 1.38 -21.39
CA LYS B 53 8.62 2.00 -21.33
C LYS B 53 9.14 1.88 -19.86
N THR B 54 10.34 1.28 -19.77
CA THR B 54 11.02 1.20 -18.49
C THR B 54 12.47 0.71 -18.60
N ASN B 55 13.31 1.31 -17.74
CA ASN B 55 14.74 0.95 -17.58
C ASN B 55 14.90 -0.33 -16.76
N ALA B 56 13.85 -0.76 -16.11
CA ALA B 56 13.90 -1.99 -15.38
C ALA B 56 13.25 -3.10 -16.18
N CYS B 57 13.85 -3.41 -17.33
CA CYS B 57 13.23 -4.28 -18.29
C CYS B 57 13.55 -5.75 -18.06
N HIS B 58 12.99 -6.26 -16.97
CA HIS B 58 13.18 -7.65 -16.56
C HIS B 58 11.93 -8.08 -15.80
N ASN B 59 11.70 -9.39 -15.66
CA ASN B 59 10.52 -9.86 -14.91
C ASN B 59 10.59 -9.30 -13.52
N GLY B 60 9.45 -8.84 -13.00
CA GLY B 60 9.35 -8.24 -11.68
C GLY B 60 9.62 -6.76 -11.65
N GLY B 61 10.02 -6.20 -12.79
CA GLY B 61 10.60 -4.85 -12.82
C GLY B 61 9.48 -3.88 -12.75
N GLY B 62 9.79 -2.66 -12.34
CA GLY B 62 8.79 -1.61 -12.24
C GLY B 62 8.65 -0.74 -13.47
N PHE B 63 7.47 -0.11 -13.59
CA PHE B 63 7.14 0.80 -14.71
C PHE B 63 6.08 1.81 -14.23
N SER B 64 6.13 2.95 -14.91
CA SER B 64 5.07 3.94 -14.88
C SER B 64 4.71 4.51 -16.31
N GLU B 65 5.42 4.16 -17.38
CA GLU B 65 5.10 4.70 -18.66
C GLU B 65 4.48 3.68 -19.54
N VAL B 66 3.27 3.99 -20.06
CA VAL B 66 2.51 3.14 -20.99
C VAL B 66 1.96 3.92 -22.19
N ILE B 67 2.05 3.29 -23.34
CA ILE B 67 1.44 3.83 -24.54
C ILE B 67 0.32 2.94 -25.03
N PHE B 68 -0.87 3.53 -25.20
CA PHE B 68 -2.07 2.85 -25.59
C PHE B 68 -2.35 3.12 -27.07
N ARG B 69 -2.40 2.05 -27.86
CA ARG B 69 -2.59 2.16 -29.29
C ARG B 69 -3.87 1.51 -29.71
N THR C 1 -10.92 29.98 -25.04
CA THR C 1 -9.63 29.44 -25.55
C THR C 1 -9.77 29.06 -27.01
N PRO C 2 -8.77 29.31 -27.83
CA PRO C 2 -8.85 28.88 -29.23
C PRO C 2 -8.79 27.35 -29.40
N ASP C 3 -9.47 26.89 -30.46
CA ASP C 3 -9.37 25.54 -30.97
C ASP C 3 -7.94 25.27 -31.37
N CYS C 4 -7.52 24.05 -31.18
CA CYS C 4 -6.15 23.68 -31.42
C CYS C 4 -6.10 22.54 -32.42
N VAL C 5 -6.70 21.42 -32.07
CA VAL C 5 -6.89 20.32 -33.02
C VAL C 5 -8.28 19.69 -32.90
N THR C 6 -8.71 19.04 -33.97
CA THR C 6 -9.90 18.20 -33.95
C THR C 6 -9.64 16.91 -34.66
N GLY C 7 -9.98 15.79 -34.02
CA GLY C 7 -9.82 14.49 -34.62
C GLY C 7 -10.13 13.37 -33.66
N LYS C 8 -9.96 12.13 -34.12
CA LYS C 8 -9.94 10.96 -33.22
C LYS C 8 -8.62 10.86 -32.51
N VAL C 9 -8.66 10.24 -31.35
CA VAL C 9 -7.43 10.09 -30.57
C VAL C 9 -6.53 8.98 -31.15
N GLU C 10 -5.47 9.36 -31.86
CA GLU C 10 -4.52 8.40 -32.46
C GLU C 10 -3.87 7.43 -31.43
N TYR C 11 -3.39 7.97 -30.33
CA TYR C 11 -2.87 7.16 -29.23
C TYR C 11 -2.80 8.03 -27.97
N THR C 12 -2.73 7.40 -26.81
CA THR C 12 -2.50 8.13 -25.55
C THR C 12 -1.25 7.59 -24.90
N LYS C 13 -0.70 8.31 -23.92
CA LYS C 13 0.46 7.84 -23.16
C LYS C 13 0.37 8.32 -21.71
N TYR C 14 0.43 7.36 -20.79
CA TYR C 14 0.65 7.70 -19.39
C TYR C 14 2.12 8.02 -19.20
N ASN C 15 2.40 9.14 -18.54
CA ASN C 15 3.77 9.63 -18.36
C ASN C 15 4.29 9.46 -16.95
N ASP C 16 5.62 9.42 -16.81
CA ASP C 16 6.23 9.15 -15.52
C ASP C 16 5.84 10.15 -14.31
N ASP C 17 5.37 11.33 -14.64
CA ASP C 17 4.94 12.31 -13.66
C ASP C 17 3.42 12.33 -13.50
N ASP C 18 2.80 11.21 -13.85
CA ASP C 18 1.34 11.12 -13.77
C ASP C 18 0.54 12.13 -14.62
N THR C 19 1.15 12.71 -15.64
CA THR C 19 0.40 13.43 -16.65
C THR C 19 0.10 12.46 -17.78
N PHE C 20 -0.78 12.88 -18.69
CA PHE C 20 -1.37 12.03 -19.72
C PHE C 20 -1.24 12.76 -20.98
N THR C 21 -0.55 12.15 -21.95
CA THR C 21 -0.33 12.67 -23.30
C THR C 21 -1.31 11.98 -24.30
N VAL C 22 -1.68 12.75 -25.30
CA VAL C 22 -2.72 12.38 -26.26
C VAL C 22 -2.20 12.87 -27.62
N LYS C 23 -2.44 12.12 -28.71
CA LYS C 23 -2.14 12.58 -30.07
C LYS C 23 -3.47 12.70 -30.81
N VAL C 24 -3.75 13.92 -31.22
CA VAL C 24 -4.98 14.28 -31.95
C VAL C 24 -4.57 15.21 -33.08
N GLY C 25 -5.07 14.99 -34.27
CA GLY C 25 -4.50 15.72 -35.38
C GLY C 25 -2.98 15.49 -35.46
N ASP C 26 -2.25 16.56 -35.78
CA ASP C 26 -0.80 16.52 -35.95
C ASP C 26 0.00 16.96 -34.69
N LYS C 27 -0.70 16.99 -33.56
CA LYS C 27 -0.17 17.51 -32.30
C LYS C 27 -0.16 16.43 -31.15
N GLU C 28 0.94 16.39 -30.41
CA GLU C 28 1.04 15.63 -29.16
C GLU C 28 0.94 16.66 -28.03
N LEU C 29 -0.03 16.51 -27.14
CA LEU C 29 -0.25 17.51 -26.10
C LEU C 29 -0.38 16.78 -24.85
N PHE C 30 -0.31 17.44 -23.68
CA PHE C 30 -0.53 16.73 -22.40
C PHE C 30 -1.41 17.45 -21.47
N THR C 31 -1.95 16.76 -20.46
CA THR C 31 -2.78 17.37 -19.41
C THR C 31 -2.47 16.78 -18.08
N ASN C 32 -2.30 17.67 -17.13
CA ASN C 32 -2.04 17.31 -15.75
C ASN C 32 -3.33 17.02 -14.94
N ARG C 33 -4.50 17.11 -15.60
CA ARG C 33 -5.82 16.79 -14.96
C ARG C 33 -6.14 15.27 -14.92
N TRP C 34 -6.16 14.71 -13.74
CA TRP C 34 -6.26 13.28 -13.65
C TRP C 34 -7.60 12.86 -14.12
N ASN C 35 -8.60 13.67 -13.85
CA ASN C 35 -9.98 13.42 -14.32
C ASN C 35 -10.12 13.14 -15.80
N LEU C 36 -9.29 13.73 -16.64
CA LEU C 36 -9.37 13.51 -18.07
C LEU C 36 -8.81 12.17 -18.63
N GLN C 37 -7.99 11.48 -17.81
CA GLN C 37 -7.28 10.26 -18.19
C GLN C 37 -8.24 9.18 -18.71
N SER C 38 -9.20 8.83 -17.89
CA SER C 38 -10.11 7.78 -18.31
C SER C 38 -11.16 8.26 -19.32
N LEU C 39 -11.44 9.59 -19.35
CA LEU C 39 -12.35 10.12 -20.35
C LEU C 39 -11.68 10.05 -21.75
N LEU C 40 -10.43 10.48 -21.79
CA LEU C 40 -9.67 10.40 -23.04
C LEU C 40 -9.41 8.98 -23.52
N LEU C 41 -9.24 8.03 -22.60
CA LEU C 41 -9.04 6.64 -23.02
C LEU C 41 -10.29 6.09 -23.61
N SER C 42 -11.42 6.51 -23.02
CA SER C 42 -12.74 6.04 -23.45
C SER C 42 -13.11 6.53 -24.83
N ALA C 43 -12.70 7.77 -25.09
CA ALA C 43 -12.86 8.41 -26.37
C ALA C 43 -11.98 7.69 -27.43
N GLN C 44 -10.79 7.30 -26.99
CA GLN C 44 -9.89 6.59 -27.88
C GLN C 44 -10.55 5.24 -28.22
N ILE C 45 -10.97 4.50 -27.21
CA ILE C 45 -11.44 3.15 -27.36
C ILE C 45 -12.70 3.15 -28.17
N THR C 46 -13.61 4.12 -27.95
CA THR C 46 -14.90 4.17 -28.72
C THR C 46 -14.85 4.97 -30.05
N GLY C 47 -13.70 5.55 -30.41
CA GLY C 47 -13.54 6.28 -31.65
C GLY C 47 -14.24 7.65 -31.68
N MET C 48 -14.54 8.17 -30.52
CA MET C 48 -15.05 9.51 -30.50
C MET C 48 -14.07 10.46 -31.15
N THR C 49 -14.69 11.52 -31.70
CA THR C 49 -14.01 12.71 -32.23
C THR C 49 -13.92 13.80 -31.16
N VAL C 50 -12.70 14.20 -30.85
CA VAL C 50 -12.56 15.23 -29.83
C VAL C 50 -12.01 16.49 -30.46
N THR C 51 -12.22 17.60 -29.77
CA THR C 51 -11.55 18.86 -30.07
C THR C 51 -10.81 19.31 -28.83
N ILE C 52 -9.52 19.58 -28.98
CA ILE C 52 -8.76 20.15 -27.89
C ILE C 52 -8.58 21.67 -28.09
N LYS C 53 -8.83 22.40 -27.00
CA LYS C 53 -8.68 23.86 -26.93
C LYS C 53 -7.46 24.23 -26.03
N THR C 54 -6.47 24.87 -26.63
CA THR C 54 -5.33 25.34 -25.87
C THR C 54 -4.51 26.42 -26.61
N ASN C 55 -4.04 27.40 -25.83
CA ASN C 55 -3.18 28.47 -26.34
C ASN C 55 -1.76 28.00 -26.51
N ALA C 56 -1.43 26.80 -26.03
CA ALA C 56 -0.11 26.21 -26.21
C ALA C 56 -0.23 25.14 -27.34
N CYS C 57 -0.54 25.61 -28.51
CA CYS C 57 -0.86 24.69 -29.59
C CYS C 57 0.34 24.26 -30.43
N HIS C 58 1.16 23.40 -29.82
CA HIS C 58 2.41 22.90 -30.40
C HIS C 58 2.74 21.57 -29.78
N ASN C 59 3.64 20.78 -30.39
CA ASN C 59 4.00 19.49 -29.76
C ASN C 59 4.61 19.69 -28.39
N GLY C 60 4.21 18.87 -27.41
CA GLY C 60 4.64 19.04 -26.05
C GLY C 60 3.85 20.04 -25.20
N GLY C 61 2.84 20.69 -25.78
CA GLY C 61 2.08 21.72 -25.12
C GLY C 61 0.99 21.21 -24.19
N GLY C 62 0.64 21.99 -23.19
CA GLY C 62 -0.36 21.58 -22.24
C GLY C 62 -1.77 21.99 -22.61
N PHE C 63 -2.75 21.23 -22.11
CA PHE C 63 -4.20 21.51 -22.30
C PHE C 63 -5.02 21.03 -21.08
N SER C 64 -6.15 21.67 -20.91
CA SER C 64 -7.15 21.13 -20.01
C SER C 64 -8.55 21.15 -20.58
N GLU C 65 -8.77 21.75 -21.73
CA GLU C 65 -10.13 21.82 -22.31
C GLU C 65 -10.31 20.88 -23.51
N VAL C 66 -11.30 19.98 -23.40
CA VAL C 66 -11.65 18.97 -24.39
C VAL C 66 -13.16 18.96 -24.62
N ILE C 67 -13.51 18.79 -25.90
CA ILE C 67 -14.89 18.59 -26.32
C ILE C 67 -15.03 17.20 -26.86
N PHE C 68 -16.00 16.45 -26.30
CA PHE C 68 -16.32 15.11 -26.73
C PHE C 68 -17.57 15.06 -27.67
N ARG C 69 -17.36 14.67 -28.93
CA ARG C 69 -18.46 14.66 -29.89
C ARG C 69 -18.79 13.25 -30.23
N THR D 1 -36.97 19.86 -7.71
CA THR D 1 -36.50 20.75 -8.81
C THR D 1 -37.31 20.53 -10.09
N PRO D 2 -37.61 21.59 -10.87
CA PRO D 2 -38.28 21.38 -12.18
C PRO D 2 -37.39 20.75 -13.26
N ASP D 3 -38.04 19.93 -14.09
CA ASP D 3 -37.47 19.44 -15.36
C ASP D 3 -37.07 20.62 -16.19
N CYS D 4 -35.97 20.45 -16.92
CA CYS D 4 -35.33 21.51 -17.65
C CYS D 4 -35.26 21.06 -19.04
N VAL D 5 -34.52 19.96 -19.32
CA VAL D 5 -34.40 19.34 -20.64
C VAL D 5 -34.40 17.85 -20.57
N THR D 6 -34.86 17.22 -21.65
CA THR D 6 -34.75 15.80 -21.80
C THR D 6 -34.23 15.47 -23.18
N GLY D 7 -33.22 14.63 -23.28
CA GLY D 7 -32.76 14.18 -24.58
C GLY D 7 -31.52 13.30 -24.44
N LYS D 8 -30.95 12.91 -25.56
CA LYS D 8 -29.63 12.25 -25.56
C LYS D 8 -28.64 13.33 -25.41
N VAL D 9 -27.43 12.93 -25.06
CA VAL D 9 -26.36 13.90 -24.82
C VAL D 9 -25.67 14.24 -26.14
N GLU D 10 -25.97 15.43 -26.71
CA GLU D 10 -25.37 15.89 -27.98
C GLU D 10 -23.84 15.99 -27.97
N TYR D 11 -23.29 16.59 -26.93
CA TYR D 11 -21.82 16.58 -26.69
C TYR D 11 -21.55 16.97 -25.23
N THR D 12 -20.32 16.71 -24.74
CA THR D 12 -19.85 17.16 -23.47
C THR D 12 -18.60 17.92 -23.69
N LYS D 13 -18.24 18.74 -22.71
CA LYS D 13 -16.98 19.47 -22.71
C LYS D 13 -16.43 19.54 -21.30
N TYR D 14 -15.20 19.10 -21.10
CA TYR D 14 -14.38 19.32 -19.88
C TYR D 14 -13.84 20.76 -19.87
N ASN D 15 -14.09 21.49 -18.81
CA ASN D 15 -13.78 22.92 -18.78
C ASN D 15 -12.49 23.18 -17.98
N ASP D 16 -11.94 24.37 -18.16
CA ASP D 16 -10.62 24.67 -17.56
C ASP D 16 -10.62 24.74 -16.06
N ASP D 17 -11.81 24.95 -15.47
CA ASP D 17 -12.01 24.95 -14.00
C ASP D 17 -12.54 23.60 -13.50
N ASP D 18 -12.20 22.54 -14.23
CA ASP D 18 -12.62 21.18 -13.86
C ASP D 18 -14.11 20.99 -13.72
N THR D 19 -14.92 21.88 -14.35
CA THR D 19 -16.39 21.65 -14.43
C THR D 19 -16.60 20.90 -15.69
N PHE D 20 -17.84 20.43 -15.89
CA PHE D 20 -18.19 19.58 -17.01
C PHE D 20 -19.47 20.16 -17.60
N THR D 21 -19.43 20.55 -18.87
CA THR D 21 -20.55 21.04 -19.61
C THR D 21 -21.13 19.92 -20.49
N VAL D 22 -22.43 19.98 -20.76
CA VAL D 22 -23.18 18.96 -21.44
C VAL D 22 -24.19 19.71 -22.28
N LYS D 23 -24.49 19.23 -23.50
CA LYS D 23 -25.60 19.76 -24.35
C LYS D 23 -26.71 18.70 -24.49
N VAL D 24 -27.87 19.06 -23.98
CA VAL D 24 -29.07 18.23 -23.96
C VAL D 24 -30.29 19.06 -24.38
N GLY D 25 -31.12 18.57 -25.29
CA GLY D 25 -32.11 19.44 -25.85
C GLY D 25 -31.43 20.67 -26.47
N ASP D 26 -32.03 21.82 -26.29
CA ASP D 26 -31.49 23.09 -26.79
C ASP D 26 -30.70 23.91 -25.75
N LYS D 27 -30.21 23.25 -24.70
CA LYS D 27 -29.54 23.91 -23.57
C LYS D 27 -28.14 23.37 -23.35
N GLU D 28 -27.17 24.25 -23.22
CA GLU D 28 -25.81 23.91 -22.74
C GLU D 28 -25.73 24.21 -21.22
N LEU D 29 -25.42 23.22 -20.40
CA LEU D 29 -25.43 23.41 -18.93
C LEU D 29 -24.19 22.81 -18.31
N PHE D 30 -23.85 23.24 -17.10
CA PHE D 30 -22.64 22.69 -16.43
C PHE D 30 -22.85 22.16 -15.07
N THR D 31 -21.96 21.30 -14.65
CA THR D 31 -22.03 20.80 -13.29
C THR D 31 -20.64 20.74 -12.59
N ASN D 32 -20.56 21.35 -11.43
CA ASN D 32 -19.36 21.27 -10.67
C ASN D 32 -19.16 19.95 -9.92
N ARG D 33 -20.07 18.98 -10.11
CA ARG D 33 -19.94 17.68 -9.43
C ARG D 33 -19.07 16.77 -10.24
N TRP D 34 -17.96 16.34 -9.66
CA TRP D 34 -16.96 15.58 -10.37
C TRP D 34 -17.48 14.20 -10.62
N ASN D 35 -18.20 13.67 -9.66
CA ASN D 35 -18.86 12.39 -9.78
C ASN D 35 -19.70 12.18 -11.06
N LEU D 36 -20.30 13.24 -11.59
CA LEU D 36 -21.16 13.14 -12.82
C LEU D 36 -20.42 13.04 -14.14
N GLN D 37 -19.11 13.36 -14.09
CA GLN D 37 -18.28 13.47 -15.30
C GLN D 37 -18.33 12.17 -16.06
N SER D 38 -17.97 11.07 -15.42
CA SER D 38 -17.93 9.80 -16.15
C SER D 38 -19.34 9.17 -16.34
N LEU D 39 -20.28 9.59 -15.52
CA LEU D 39 -21.64 9.06 -15.74
C LEU D 39 -22.22 9.69 -17.03
N LEU D 40 -22.03 11.01 -17.10
CA LEU D 40 -22.46 11.73 -18.26
C LEU D 40 -21.79 11.28 -19.51
N LEU D 41 -20.51 10.99 -19.48
CA LEU D 41 -19.80 10.47 -20.68
C LEU D 41 -20.31 9.07 -21.09
N SER D 42 -20.65 8.25 -20.12
CA SER D 42 -21.16 6.92 -20.44
C SER D 42 -22.53 6.97 -21.03
N ALA D 43 -23.28 7.93 -20.57
CA ALA D 43 -24.57 8.12 -21.10
C ALA D 43 -24.47 8.59 -22.56
N GLN D 44 -23.47 9.45 -22.80
CA GLN D 44 -23.31 10.05 -24.08
C GLN D 44 -22.90 8.87 -25.00
N ILE D 45 -21.91 8.08 -24.56
CA ILE D 45 -21.33 6.99 -25.40
C ILE D 45 -22.39 5.91 -25.72
N THR D 46 -23.25 5.59 -24.77
CA THR D 46 -24.21 4.50 -24.96
C THR D 46 -25.54 4.97 -25.52
N GLY D 47 -25.68 6.26 -25.76
CA GLY D 47 -26.92 6.78 -26.29
C GLY D 47 -28.11 6.85 -25.33
N MET D 48 -27.85 6.79 -24.02
CA MET D 48 -28.88 6.99 -23.03
C MET D 48 -29.54 8.33 -23.23
N THR D 49 -30.80 8.33 -22.84
CA THR D 49 -31.65 9.50 -22.75
C THR D 49 -31.66 9.99 -21.33
N VAL D 50 -31.24 11.21 -21.11
CA VAL D 50 -31.20 11.78 -19.76
C VAL D 50 -32.13 12.93 -19.61
N THR D 51 -32.49 13.22 -18.37
CA THR D 51 -33.28 14.38 -18.06
C THR D 51 -32.54 15.14 -17.04
N ILE D 52 -32.29 16.40 -17.32
CA ILE D 52 -31.63 17.27 -16.37
C ILE D 52 -32.67 18.15 -15.67
N LYS D 53 -32.59 18.19 -14.34
CA LYS D 53 -33.44 19.02 -13.49
C LYS D 53 -32.63 20.23 -12.96
N THR D 54 -33.06 21.45 -13.26
CA THR D 54 -32.45 22.62 -12.65
C THR D 54 -33.35 23.82 -12.75
N ASN D 55 -33.22 24.69 -11.74
CA ASN D 55 -33.90 25.99 -11.71
C ASN D 55 -33.20 27.03 -12.53
N ALA D 56 -31.98 26.76 -12.97
CA ALA D 56 -31.22 27.70 -13.78
C ALA D 56 -31.32 27.20 -15.20
N CYS D 57 -32.54 27.20 -15.75
CA CYS D 57 -32.75 26.56 -17.05
C CYS D 57 -32.51 27.44 -18.32
N HIS D 58 -31.25 27.78 -18.53
CA HIS D 58 -30.80 28.66 -19.60
C HIS D 58 -29.39 28.24 -19.98
N ASN D 59 -28.94 28.65 -21.16
CA ASN D 59 -27.59 28.30 -21.58
C ASN D 59 -26.67 28.89 -20.58
N GLY D 60 -25.68 28.12 -20.17
CA GLY D 60 -24.70 28.53 -19.19
C GLY D 60 -25.10 28.19 -17.78
N GLY D 61 -26.28 27.64 -17.60
CA GLY D 61 -26.79 27.47 -16.25
C GLY D 61 -26.30 26.23 -15.54
N GLY D 62 -26.30 26.20 -14.22
CA GLY D 62 -25.73 25.07 -13.49
C GLY D 62 -26.72 23.95 -13.19
N PHE D 63 -26.22 22.74 -12.98
CA PHE D 63 -27.09 21.68 -12.58
C PHE D 63 -26.36 20.70 -11.74
N SER D 64 -27.14 19.92 -10.96
CA SER D 64 -26.62 18.74 -10.23
C SER D 64 -27.55 17.56 -10.30
N GLU D 65 -28.72 17.73 -10.77
CA GLU D 65 -29.62 16.58 -10.81
C GLU D 65 -29.80 16.01 -12.24
N VAL D 66 -29.59 14.71 -12.39
CA VAL D 66 -29.72 14.06 -13.68
C VAL D 66 -30.40 12.71 -13.53
N ILE D 67 -31.25 12.36 -14.48
CA ILE D 67 -31.94 11.07 -14.48
C ILE D 67 -31.45 10.32 -15.70
N PHE D 68 -31.01 9.08 -15.51
CA PHE D 68 -30.50 8.25 -16.57
C PHE D 68 -31.56 7.19 -16.91
N ARG D 69 -32.05 7.20 -18.15
CA ARG D 69 -33.11 6.28 -18.58
C ARG D 69 -32.61 5.36 -19.68
N THR E 1 -28.96 -8.66 6.45
CA THR E 1 -30.06 -7.74 6.02
C THR E 1 -31.04 -8.42 5.09
N PRO E 2 -32.35 -8.19 5.23
CA PRO E 2 -33.35 -8.82 4.34
C PRO E 2 -33.31 -8.27 2.94
N ASP E 3 -33.62 -9.18 1.99
CA ASP E 3 -33.91 -8.86 0.59
C ASP E 3 -35.06 -7.92 0.55
N CYS E 4 -35.00 -7.00 -0.38
CA CYS E 4 -35.94 -5.95 -0.51
C CYS E 4 -36.58 -6.04 -1.89
N VAL E 5 -35.80 -5.86 -2.94
CA VAL E 5 -36.23 -6.01 -4.33
C VAL E 5 -35.13 -6.65 -5.15
N THR E 6 -35.57 -7.29 -6.24
CA THR E 6 -34.72 -7.87 -7.25
C THR E 6 -35.26 -7.53 -8.60
N GLY E 7 -34.39 -7.10 -9.48
CA GLY E 7 -34.78 -6.80 -10.84
C GLY E 7 -33.69 -6.10 -11.60
N LYS E 8 -33.95 -5.76 -12.85
CA LYS E 8 -33.10 -4.86 -13.58
C LYS E 8 -33.34 -3.46 -13.07
N VAL E 9 -32.34 -2.63 -13.34
CA VAL E 9 -32.37 -1.26 -12.89
C VAL E 9 -33.20 -0.35 -13.85
N GLU E 10 -34.46 -0.13 -13.53
CA GLU E 10 -35.31 0.64 -14.43
C GLU E 10 -34.67 2.01 -14.76
N TYR E 11 -34.19 2.76 -13.76
CA TYR E 11 -33.53 4.09 -14.00
C TYR E 11 -32.67 4.48 -12.79
N THR E 12 -31.69 5.35 -12.99
CA THR E 12 -30.93 5.91 -11.88
C THR E 12 -31.08 7.45 -11.82
N LYS E 13 -30.86 8.04 -10.67
CA LYS E 13 -30.88 9.48 -10.57
C LYS E 13 -29.80 9.97 -9.59
N TYR E 14 -28.89 10.77 -10.11
CA TYR E 14 -27.96 11.59 -9.33
C TYR E 14 -28.68 12.74 -8.68
N ASN E 15 -28.55 12.88 -7.36
CA ASN E 15 -29.36 13.86 -6.53
C ASN E 15 -28.56 15.08 -6.08
N ASP E 16 -29.23 16.10 -5.63
CA ASP E 16 -28.54 17.33 -5.35
C ASP E 16 -27.60 17.28 -4.13
N ASP E 17 -27.70 16.22 -3.34
CA ASP E 17 -26.76 16.00 -2.23
C ASP E 17 -25.86 14.88 -2.51
N ASP E 18 -25.50 14.72 -3.76
CA ASP E 18 -24.53 13.68 -4.15
C ASP E 18 -24.93 12.25 -3.76
N THR E 19 -26.18 11.99 -3.45
CA THR E 19 -26.61 10.61 -3.30
C THR E 19 -27.07 10.18 -4.66
N PHE E 20 -27.39 8.88 -4.76
CA PHE E 20 -27.70 8.18 -5.99
C PHE E 20 -28.89 7.29 -5.76
N THR E 21 -29.96 7.61 -6.47
CA THR E 21 -31.24 6.92 -6.39
C THR E 21 -31.29 5.90 -7.52
N VAL E 22 -32.04 4.83 -7.30
CA VAL E 22 -32.15 3.70 -8.18
C VAL E 22 -33.60 3.22 -8.11
N LYS E 23 -34.18 2.78 -9.21
CA LYS E 23 -35.52 2.12 -9.24
C LYS E 23 -35.40 0.67 -9.70
N VAL E 24 -35.75 -0.23 -8.80
CA VAL E 24 -35.62 -1.67 -8.99
C VAL E 24 -36.92 -2.31 -8.45
N GLY E 25 -37.55 -3.22 -9.20
CA GLY E 25 -38.84 -3.71 -8.79
C GLY E 25 -39.76 -2.53 -8.77
N ASP E 26 -40.59 -2.45 -7.74
CA ASP E 26 -41.53 -1.35 -7.49
C ASP E 26 -41.06 -0.29 -6.45
N LYS E 27 -39.76 -0.28 -6.17
CA LYS E 27 -39.19 0.59 -5.15
C LYS E 27 -38.11 1.55 -5.70
N GLU E 28 -38.18 2.80 -5.23
CA GLU E 28 -37.18 3.82 -5.50
C GLU E 28 -36.39 3.95 -4.23
N LEU E 29 -35.09 3.71 -4.27
CA LEU E 29 -34.27 3.72 -3.07
C LEU E 29 -33.02 4.54 -3.37
N PHE E 30 -32.25 4.93 -2.32
CA PHE E 30 -31.05 5.72 -2.47
C PHE E 30 -29.92 5.26 -1.62
N THR E 31 -28.70 5.62 -2.02
CA THR E 31 -27.49 5.26 -1.30
C THR E 31 -26.54 6.38 -1.32
N ASN E 32 -26.01 6.66 -0.14
CA ASN E 32 -25.01 7.65 0.11
C ASN E 32 -23.57 7.16 -0.15
N ARG E 33 -23.40 5.94 -0.61
CA ARG E 33 -22.06 5.40 -0.92
C ARG E 33 -21.69 5.77 -2.34
N TRP E 34 -20.60 6.51 -2.47
CA TRP E 34 -20.24 7.05 -3.78
C TRP E 34 -19.68 5.95 -4.65
N ASN E 35 -18.98 5.05 -4.04
CA ASN E 35 -18.57 3.81 -4.71
C ASN E 35 -19.68 3.14 -5.57
N LEU E 36 -20.91 3.16 -5.11
CA LEU E 36 -21.91 2.41 -5.83
C LEU E 36 -22.44 3.10 -7.09
N GLN E 37 -22.11 4.38 -7.27
CA GLN E 37 -22.67 5.16 -8.34
C GLN E 37 -22.39 4.54 -9.68
N SER E 38 -21.12 4.30 -9.98
CA SER E 38 -20.75 3.81 -11.29
C SER E 38 -20.98 2.33 -11.40
N LEU E 39 -21.05 1.59 -10.29
CA LEU E 39 -21.36 0.14 -10.44
C LEU E 39 -22.78 -0.01 -10.86
N LEU E 40 -23.66 0.70 -10.17
CA LEU E 40 -25.07 0.69 -10.50
C LEU E 40 -25.36 1.16 -11.94
N LEU E 41 -24.65 2.17 -12.40
CA LEU E 41 -24.87 2.66 -13.77
C LEU E 41 -24.41 1.59 -14.76
N SER E 42 -23.39 0.84 -14.41
CA SER E 42 -22.89 -0.21 -15.29
C SER E 42 -23.88 -1.31 -15.36
N ALA E 43 -24.49 -1.60 -14.22
CA ALA E 43 -25.49 -2.65 -14.16
C ALA E 43 -26.67 -2.23 -15.04
N GLN E 44 -27.02 -0.94 -14.96
CA GLN E 44 -28.19 -0.42 -15.67
C GLN E 44 -27.92 -0.51 -17.13
N ILE E 45 -26.72 -0.09 -17.52
CA ILE E 45 -26.33 -0.06 -18.94
C ILE E 45 -26.28 -1.44 -19.55
N THR E 46 -25.73 -2.43 -18.82
CA THR E 46 -25.55 -3.78 -19.36
C THR E 46 -26.75 -4.70 -19.14
N GLY E 47 -27.80 -4.24 -18.49
CA GLY E 47 -28.99 -5.06 -18.25
C GLY E 47 -28.78 -6.14 -17.18
N MET E 48 -27.82 -5.97 -16.25
CA MET E 48 -27.69 -6.87 -15.10
C MET E 48 -28.96 -6.80 -14.25
N THR E 49 -29.21 -7.97 -13.62
CA THR E 49 -30.20 -8.16 -12.60
C THR E 49 -29.54 -7.95 -11.26
N VAL E 50 -30.06 -7.03 -10.43
CA VAL E 50 -29.53 -6.79 -9.11
C VAL E 50 -30.54 -7.06 -8.07
N THR E 51 -30.06 -7.41 -6.88
CA THR E 51 -30.88 -7.54 -5.70
C THR E 51 -30.43 -6.50 -4.71
N ILE E 52 -31.34 -5.68 -4.20
CA ILE E 52 -31.01 -4.76 -3.13
C ILE E 52 -31.46 -5.25 -1.75
N LYS E 53 -30.52 -5.20 -0.79
CA LYS E 53 -30.78 -5.60 0.61
C LYS E 53 -30.93 -4.38 1.49
N THR E 54 -32.10 -4.23 2.12
CA THR E 54 -32.27 -3.13 3.08
C THR E 54 -33.43 -3.34 3.99
N ASN E 55 -33.28 -2.91 5.25
CA ASN E 55 -34.40 -2.89 6.22
C ASN E 55 -35.35 -1.73 5.97
N ALA E 56 -34.94 -0.72 5.20
CA ALA E 56 -35.78 0.43 4.94
C ALA E 56 -36.44 0.23 3.64
N CYS E 57 -37.26 -0.81 3.56
CA CYS E 57 -37.78 -1.28 2.30
C CYS E 57 -39.09 -0.57 1.88
N HIS E 58 -38.94 0.71 1.54
CA HIS E 58 -40.04 1.56 1.17
C HIS E 58 -39.55 2.61 0.20
N ASN E 59 -40.44 3.21 -0.59
CA ASN E 59 -39.96 4.29 -1.48
C ASN E 59 -39.32 5.41 -0.68
N GLY E 60 -38.17 5.89 -1.18
CA GLY E 60 -37.38 6.87 -0.46
C GLY E 60 -36.36 6.36 0.57
N GLY E 61 -36.34 5.05 0.74
CA GLY E 61 -35.55 4.40 1.78
C GLY E 61 -34.13 4.25 1.40
N GLY E 62 -33.24 4.09 2.37
CA GLY E 62 -31.81 3.99 2.08
C GLY E 62 -31.30 2.58 1.93
N PHE E 63 -30.19 2.44 1.22
CA PHE E 63 -29.52 1.14 1.08
C PHE E 63 -28.07 1.32 0.86
N SER E 64 -27.33 0.25 1.21
CA SER E 64 -25.91 0.12 0.89
C SER E 64 -25.53 -1.23 0.43
N GLU E 65 -26.36 -2.24 0.49
CA GLU E 65 -26.00 -3.58 0.05
C GLU E 65 -26.65 -3.94 -1.28
N VAL E 66 -25.88 -4.39 -2.25
CA VAL E 66 -26.41 -4.73 -3.60
C VAL E 66 -25.73 -5.94 -4.09
N ILE E 67 -26.48 -6.82 -4.75
CA ILE E 67 -25.93 -8.02 -5.33
C ILE E 67 -26.04 -7.95 -6.86
N PHE E 68 -24.92 -8.16 -7.55
CA PHE E 68 -24.85 -8.09 -8.99
C PHE E 68 -24.81 -9.51 -9.60
N ARG E 69 -25.82 -9.87 -10.35
CA ARG E 69 -25.92 -11.22 -10.89
C ARG E 69 -25.84 -11.17 -12.40
N THR F 1 19.44 17.47 -3.83
CA THR F 1 18.11 17.90 -3.30
C THR F 1 18.27 18.96 -2.20
N PRO F 2 17.46 20.01 -2.21
CA PRO F 2 17.56 21.03 -1.17
C PRO F 2 17.08 20.60 0.22
N ASP F 3 17.77 21.12 1.24
CA ASP F 3 17.36 20.98 2.64
C ASP F 3 15.96 21.51 2.78
N CYS F 4 15.18 20.92 3.64
CA CYS F 4 13.79 21.28 3.75
C CYS F 4 13.52 21.67 5.20
N VAL F 5 13.73 20.72 6.11
CA VAL F 5 13.65 21.02 7.53
C VAL F 5 14.70 20.29 8.34
N THR F 6 15.07 20.88 9.47
CA THR F 6 15.98 20.23 10.41
C THR F 6 15.45 20.35 11.82
N GLY F 7 15.44 19.25 12.54
CA GLY F 7 14.98 19.26 13.89
C GLY F 7 14.86 17.87 14.43
N LYS F 8 14.35 17.77 15.65
CA LYS F 8 13.99 16.46 16.22
C LYS F 8 12.68 16.06 15.64
N VAL F 9 12.38 14.77 15.69
CA VAL F 9 11.09 14.29 15.17
C VAL F 9 9.95 14.48 16.17
N GLU F 10 9.14 15.53 16.01
CA GLU F 10 8.05 15.86 16.99
C GLU F 10 7.01 14.71 17.17
N TYR F 11 6.62 14.05 16.08
CA TYR F 11 5.77 12.87 16.15
C TYR F 11 5.82 12.13 14.80
N THR F 12 5.46 10.85 14.80
CA THR F 12 5.29 10.10 13.55
C THR F 12 3.86 9.59 13.39
N LYS F 13 3.49 9.22 12.19
CA LYS F 13 2.18 8.63 11.98
C LYS F 13 2.26 7.53 10.87
N TYR F 14 1.88 6.29 11.22
CA TYR F 14 1.65 5.28 10.23
C TYR F 14 0.28 5.56 9.55
N ASN F 15 0.26 5.60 8.21
CA ASN F 15 -0.89 5.98 7.42
C ASN F 15 -1.59 4.74 6.81
N ASP F 16 -2.85 4.92 6.35
CA ASP F 16 -3.71 3.80 5.92
C ASP F 16 -3.22 3.10 4.68
N ASP F 17 -2.39 3.80 3.89
CA ASP F 17 -1.71 3.25 2.69
C ASP F 17 -0.26 2.80 3.00
N ASP F 18 0.01 2.38 4.20
CA ASP F 18 1.35 1.99 4.49
C ASP F 18 2.48 3.00 4.18
N THR F 19 2.17 4.27 4.01
CA THR F 19 3.20 5.32 4.10
C THR F 19 3.36 5.79 5.59
N PHE F 20 4.38 6.63 5.81
CA PHE F 20 4.84 7.02 7.15
C PHE F 20 5.08 8.49 7.12
N THR F 21 4.33 9.21 7.96
CA THR F 21 4.37 10.64 8.03
C THR F 21 5.18 10.99 9.25
N VAL F 22 5.80 12.17 9.21
CA VAL F 22 6.75 12.62 10.17
C VAL F 22 6.61 14.13 10.33
N LYS F 23 6.72 14.66 11.55
CA LYS F 23 6.72 16.14 11.82
C LYS F 23 8.07 16.60 12.38
N VAL F 24 8.74 17.43 11.58
CA VAL F 24 10.08 17.93 11.81
C VAL F 24 10.07 19.41 11.41
N GLY F 25 10.58 20.26 12.29
CA GLY F 25 10.38 21.67 12.10
C GLY F 25 8.89 21.97 12.04
N ASP F 26 8.51 22.84 11.12
CA ASP F 26 7.10 23.26 10.95
C ASP F 26 6.36 22.51 9.84
N LYS F 27 6.90 21.36 9.42
CA LYS F 27 6.42 20.63 8.24
C LYS F 27 6.05 19.18 8.60
N GLU F 28 4.90 18.73 8.06
CA GLU F 28 4.44 17.34 8.11
C GLU F 28 4.66 16.75 6.71
N LEU F 29 5.48 15.72 6.62
CA LEU F 29 5.92 15.14 5.31
C LEU F 29 5.82 13.63 5.33
N PHE F 30 5.71 12.99 4.17
CA PHE F 30 5.55 11.53 4.16
C PHE F 30 6.51 10.83 3.22
N THR F 31 6.74 9.54 3.51
CA THR F 31 7.61 8.78 2.69
C THR F 31 7.00 7.45 2.44
N ASN F 32 7.01 7.04 1.17
CA ASN F 32 6.62 5.70 0.75
C ASN F 32 7.71 4.64 0.81
N ARG F 33 8.86 4.93 1.39
CA ARG F 33 9.94 3.95 1.61
C ARG F 33 9.83 3.24 2.95
N TRP F 34 9.66 1.92 2.94
CA TRP F 34 9.27 1.16 4.14
C TRP F 34 10.45 1.05 5.08
N ASN F 35 11.61 0.97 4.44
CA ASN F 35 12.88 1.00 5.11
C ASN F 35 13.02 2.12 6.14
N LEU F 36 12.41 3.28 5.85
CA LEU F 36 12.61 4.45 6.71
C LEU F 36 11.74 4.40 7.97
N GLN F 37 10.78 3.50 7.99
CA GLN F 37 9.79 3.50 9.07
C GLN F 37 10.37 3.24 10.43
N SER F 38 11.18 2.22 10.50
CA SER F 38 11.84 1.98 11.77
C SER F 38 13.10 2.88 12.07
N LEU F 39 13.71 3.47 11.05
CA LEU F 39 14.88 4.34 11.32
C LEU F 39 14.34 5.65 11.93
N LEU F 40 13.27 6.13 11.31
CA LEU F 40 12.63 7.36 11.79
C LEU F 40 12.01 7.21 13.21
N LEU F 41 11.41 6.03 13.50
CA LEU F 41 10.91 5.81 14.82
C LEU F 41 12.05 5.70 15.82
N SER F 42 13.21 5.20 15.40
CA SER F 42 14.40 5.13 16.26
C SER F 42 15.02 6.52 16.58
N ALA F 43 14.97 7.38 15.57
CA ALA F 43 15.43 8.76 15.69
C ALA F 43 14.48 9.53 16.64
N GLN F 44 13.18 9.20 16.54
CA GLN F 44 12.18 9.85 17.39
C GLN F 44 12.41 9.43 18.84
N ILE F 45 12.57 8.14 19.09
CA ILE F 45 12.70 7.62 20.44
C ILE F 45 14.05 8.03 21.11
N THR F 46 15.11 8.12 20.33
CA THR F 46 16.42 8.49 20.93
C THR F 46 16.69 9.98 20.92
N GLY F 47 15.79 10.78 20.37
CA GLY F 47 15.94 12.21 20.30
C GLY F 47 16.99 12.71 19.32
N MET F 48 17.27 11.93 18.26
CA MET F 48 18.18 12.36 17.20
C MET F 48 17.64 13.57 16.49
N THR F 49 18.58 14.38 15.99
CA THR F 49 18.27 15.51 15.12
C THR F 49 18.42 15.03 13.70
N VAL F 50 17.33 15.15 12.95
CA VAL F 50 17.35 14.80 11.53
C VAL F 50 17.17 15.99 10.60
N THR F 51 17.72 15.85 9.40
CA THR F 51 17.48 16.78 8.33
C THR F 51 16.78 16.01 7.20
N ILE F 52 15.63 16.53 6.77
CA ILE F 52 14.94 16.01 5.61
C ILE F 52 15.22 16.88 4.38
N LYS F 53 15.59 16.20 3.28
CA LYS F 53 15.85 16.82 1.99
C LYS F 53 14.69 16.49 1.04
N THR F 54 14.02 17.53 0.53
CA THR F 54 13.00 17.35 -0.48
C THR F 54 12.63 18.63 -1.22
N ASN F 55 12.33 18.47 -2.51
CA ASN F 55 11.80 19.56 -3.36
C ASN F 55 10.31 19.87 -3.14
N ALA F 56 9.61 18.97 -2.48
CA ALA F 56 8.20 19.15 -2.18
C ALA F 56 8.07 19.67 -0.79
N CYS F 57 8.66 20.86 -0.52
CA CYS F 57 8.83 21.33 0.86
C CYS F 57 7.63 22.06 1.45
N HIS F 58 6.58 21.29 1.70
CA HIS F 58 5.30 21.80 2.17
C HIS F 58 4.56 20.77 2.98
N ASN F 59 3.52 21.16 3.71
CA ASN F 59 2.76 20.16 4.48
C ASN F 59 2.12 19.21 3.54
N GLY F 60 2.13 17.93 3.87
CA GLY F 60 1.66 16.87 2.99
C GLY F 60 2.62 16.32 1.91
N GLY F 61 3.79 16.93 1.76
CA GLY F 61 4.71 16.67 0.67
C GLY F 61 5.55 15.45 0.90
N GLY F 62 6.05 14.86 -0.15
CA GLY F 62 6.80 13.62 0.00
C GLY F 62 8.29 13.74 0.14
N PHE F 63 8.94 12.73 0.67
CA PHE F 63 10.39 12.74 0.83
C PHE F 63 10.93 11.36 0.84
N SER F 64 12.19 11.24 0.43
CA SER F 64 12.94 10.00 0.63
C SER F 64 14.37 10.21 1.22
N GLU F 65 14.85 11.42 1.34
CA GLU F 65 16.21 11.60 1.78
C GLU F 65 16.22 12.15 3.16
N VAL F 66 16.90 11.44 4.06
CA VAL F 66 17.01 11.84 5.49
C VAL F 66 18.43 11.73 5.96
N ILE F 67 18.85 12.67 6.79
CA ILE F 67 20.19 12.65 7.41
C ILE F 67 20.00 12.52 8.90
N PHE F 68 20.63 11.50 9.49
CA PHE F 68 20.55 11.23 10.91
C PHE F 68 21.82 11.75 11.62
N ARG F 69 21.64 12.71 12.54
CA ARG F 69 22.81 13.33 13.24
C ARG F 69 22.85 12.99 14.72
N THR G 1 40.14 -7.52 1.99
CA THR G 1 39.93 -6.09 1.65
C THR G 1 40.70 -5.22 2.65
N PRO G 2 41.38 -4.18 2.15
CA PRO G 2 42.08 -3.26 3.05
C PRO G 2 41.17 -2.43 3.94
N ASP G 3 41.64 -2.15 5.16
CA ASP G 3 41.00 -1.16 6.05
C ASP G 3 40.94 0.20 5.34
N CYS G 4 39.89 0.97 5.64
CA CYS G 4 39.70 2.24 4.96
C CYS G 4 39.61 3.32 6.00
N VAL G 5 38.64 3.22 6.90
CA VAL G 5 38.54 4.14 8.04
C VAL G 5 38.12 3.43 9.30
N THR G 6 38.47 4.03 10.42
CA THR G 6 38.01 3.57 11.70
C THR G 6 37.56 4.75 12.53
N GLY G 7 36.41 4.61 13.20
CA GLY G 7 35.89 5.64 14.05
C GLY G 7 34.45 5.41 14.45
N LYS G 8 33.88 6.35 15.19
CA LYS G 8 32.45 6.37 15.42
C LYS G 8 31.78 6.91 14.16
N VAL G 9 30.47 6.63 14.06
CA VAL G 9 29.64 7.06 12.95
C VAL G 9 29.17 8.48 13.19
N GLU G 10 29.82 9.44 12.52
CA GLU G 10 29.50 10.87 12.63
C GLU G 10 28.10 11.22 12.22
N TYR G 11 27.63 10.65 11.11
CA TYR G 11 26.20 10.79 10.70
C TYR G 11 25.85 9.72 9.64
N THR G 12 24.58 9.46 9.40
CA THR G 12 24.23 8.58 8.31
C THR G 12 23.27 9.34 7.45
N LYS G 13 23.06 8.86 6.20
CA LYS G 13 22.07 9.43 5.32
C LYS G 13 21.42 8.40 4.46
N TYR G 14 20.10 8.31 4.57
CA TYR G 14 19.28 7.52 3.64
C TYR G 14 19.16 8.28 2.31
N ASN G 15 19.45 7.59 1.18
CA ASN G 15 19.58 8.24 -0.15
C ASN G 15 18.40 7.93 -1.03
N ASP G 16 18.22 8.70 -2.11
CA ASP G 16 17.01 8.59 -2.91
C ASP G 16 16.88 7.28 -3.62
N ASP G 17 17.98 6.57 -3.82
CA ASP G 17 18.01 5.24 -4.48
C ASP G 17 18.06 4.09 -3.48
N ASP G 18 17.53 4.35 -2.30
CA ASP G 18 17.53 3.38 -1.23
C ASP G 18 18.95 2.90 -0.79
N THR G 19 20.01 3.61 -1.14
CA THR G 19 21.32 3.27 -0.55
C THR G 19 21.43 4.00 0.75
N PHE G 20 22.48 3.69 1.50
CA PHE G 20 22.70 4.29 2.81
C PHE G 20 24.19 4.80 2.86
N THR G 21 24.34 6.10 3.16
CA THR G 21 25.61 6.79 3.33
C THR G 21 25.96 6.99 4.82
N VAL G 22 27.22 6.95 5.07
CA VAL G 22 27.75 6.93 6.41
C VAL G 22 29.02 7.79 6.42
N LYS G 23 29.24 8.56 7.49
CA LYS G 23 30.51 9.32 7.64
C LYS G 23 31.30 8.80 8.81
N VAL G 24 32.49 8.30 8.55
CA VAL G 24 33.35 7.69 9.56
C VAL G 24 34.74 8.16 9.25
N GLY G 25 35.47 8.58 10.26
CA GLY G 25 36.73 9.25 9.97
C GLY G 25 36.45 10.44 9.04
N ASP G 26 37.34 10.62 8.06
CA ASP G 26 37.26 11.73 7.07
C ASP G 26 36.63 11.35 5.72
N LYS G 27 35.90 10.23 5.69
CA LYS G 27 35.32 9.69 4.46
C LYS G 27 33.80 9.53 4.54
N GLU G 28 33.14 9.90 3.46
CA GLU G 28 31.73 9.65 3.26
C GLU G 28 31.65 8.49 2.27
N LEU G 29 31.02 7.39 2.67
CA LEU G 29 30.97 6.19 1.82
C LEU G 29 29.58 5.64 1.84
N PHE G 30 29.21 4.83 0.85
CA PHE G 30 27.84 4.30 0.76
C PHE G 30 27.79 2.77 0.61
N THR G 31 26.62 2.20 0.89
CA THR G 31 26.42 0.77 0.66
C THR G 31 25.01 0.56 0.13
N ASN G 32 24.96 -0.28 -0.87
CA ASN G 32 23.71 -0.77 -1.45
C ASN G 32 23.10 -2.00 -0.72
N ARG G 33 23.72 -2.44 0.39
CA ARG G 33 23.21 -3.54 1.24
C ARG G 33 22.15 -2.97 2.25
N TRP G 34 20.92 -3.46 2.11
CA TRP G 34 19.83 -2.95 2.95
C TRP G 34 19.99 -3.45 4.40
N ASN G 35 20.42 -4.69 4.54
CA ASN G 35 20.76 -5.28 5.81
C ASN G 35 21.59 -4.37 6.71
N LEU G 36 22.51 -3.60 6.14
CA LEU G 36 23.41 -2.76 6.94
C LEU G 36 22.79 -1.48 7.48
N GLN G 37 21.62 -1.13 6.94
CA GLN G 37 20.97 0.14 7.28
C GLN G 37 20.67 0.27 8.80
N SER G 38 19.98 -0.71 9.31
CA SER G 38 19.67 -0.63 10.72
C SER G 38 20.89 -1.02 11.62
N LEU G 39 21.87 -1.70 11.08
CA LEU G 39 23.00 -2.07 11.94
C LEU G 39 23.82 -0.81 12.16
N LEU G 40 23.99 -0.09 11.06
CA LEU G 40 24.78 1.13 11.05
C LEU G 40 24.14 2.19 11.85
N LEU G 41 22.82 2.30 11.76
CA LEU G 41 22.10 3.28 12.60
C LEU G 41 22.21 2.95 14.10
N SER G 42 22.22 1.66 14.46
CA SER G 42 22.37 1.20 15.83
C SER G 42 23.75 1.45 16.36
N ALA G 43 24.73 1.38 15.48
CA ALA G 43 26.10 1.70 15.85
C ALA G 43 26.26 3.19 16.08
N GLN G 44 25.52 3.98 15.31
CA GLN G 44 25.60 5.43 15.44
C GLN G 44 24.91 5.85 16.74
N ILE G 45 23.73 5.31 16.99
CA ILE G 45 22.98 5.68 18.19
C ILE G 45 23.71 5.27 19.46
N THR G 46 24.36 4.08 19.48
CA THR G 46 25.02 3.55 20.69
C THR G 46 26.52 3.89 20.78
N GLY G 47 27.01 4.68 19.85
CA GLY G 47 28.37 5.15 19.93
C GLY G 47 29.40 4.04 19.75
N MET G 48 29.05 2.97 19.03
CA MET G 48 30.03 1.97 18.62
C MET G 48 31.05 2.60 17.71
N THR G 49 32.27 2.05 17.83
CA THR G 49 33.39 2.25 16.93
C THR G 49 33.36 1.19 15.86
N VAL G 50 33.23 1.63 14.61
CA VAL G 50 33.28 0.75 13.43
C VAL G 50 34.53 0.91 12.57
N THR G 51 34.83 -0.14 11.83
CA THR G 51 35.89 -0.12 10.82
C THR G 51 35.28 -0.50 9.48
N ILE G 52 35.44 0.34 8.50
CA ILE G 52 34.93 0.01 7.19
C ILE G 52 36.10 -0.48 6.31
N LYS G 53 35.87 -1.59 5.61
CA LYS G 53 36.86 -2.16 4.68
C LYS G 53 36.40 -1.97 3.25
N THR G 54 37.18 -1.22 2.48
CA THR G 54 36.86 -1.04 1.06
C THR G 54 38.07 -0.62 0.20
N ASN G 55 38.11 -1.14 -1.02
CA ASN G 55 39.12 -0.74 -2.03
C ASN G 55 38.77 0.59 -2.70
N ALA G 56 37.53 1.06 -2.55
CA ALA G 56 37.11 2.35 -3.08
C ALA G 56 37.20 3.40 -1.92
N CYS G 57 38.42 3.66 -1.47
CA CYS G 57 38.60 4.44 -0.26
C CYS G 57 38.71 5.97 -0.47
N HIS G 58 37.66 6.56 -1.03
CA HIS G 58 37.56 7.98 -1.34
C HIS G 58 36.14 8.45 -0.96
N ASN G 59 35.90 9.74 -0.86
CA ASN G 59 34.54 10.22 -0.65
C ASN G 59 33.66 9.78 -1.79
N GLY G 60 32.46 9.31 -1.50
CA GLY G 60 31.55 8.80 -2.52
C GLY G 60 31.73 7.32 -2.90
N GLY G 61 32.72 6.67 -2.30
CA GLY G 61 33.07 5.30 -2.62
C GLY G 61 32.17 4.29 -1.95
N GLY G 62 32.02 3.12 -2.56
CA GLY G 62 31.14 2.09 -2.06
C GLY G 62 31.77 1.13 -1.06
N PHE G 63 30.94 0.52 -0.21
CA PHE G 63 31.43 -0.49 0.74
C PHE G 63 30.38 -1.48 1.07
N SER G 64 30.81 -2.69 1.40
CA SER G 64 29.96 -3.72 1.98
C SER G 64 30.50 -4.40 3.24
N GLU G 65 31.76 -4.14 3.62
CA GLU G 65 32.36 -4.78 4.80
C GLU G 65 32.52 -3.82 6.00
N VAL G 66 31.89 -4.17 7.12
CA VAL G 66 31.96 -3.35 8.31
C VAL G 66 32.25 -4.20 9.53
N ILE G 67 33.05 -3.66 10.44
CA ILE G 67 33.37 -4.34 11.71
C ILE G 67 32.86 -3.54 12.87
N PHE G 68 32.05 -4.17 13.72
CA PHE G 68 31.42 -3.49 14.83
C PHE G 68 32.15 -3.85 16.13
N ARG G 69 32.75 -2.84 16.78
CA ARG G 69 33.56 -3.07 17.99
C ARG G 69 32.89 -2.40 19.20
N THR H 1 23.29 -30.49 18.85
CA THR H 1 24.59 -29.92 18.39
C THR H 1 25.46 -29.58 19.59
N PRO H 2 26.75 -29.88 19.57
CA PRO H 2 27.61 -29.54 20.70
C PRO H 2 27.83 -28.04 20.88
N ASP H 3 27.92 -27.62 22.14
CA ASP H 3 28.37 -26.29 22.51
C ASP H 3 29.72 -26.10 21.88
N CYS H 4 30.04 -24.86 21.55
CA CYS H 4 31.26 -24.49 20.88
C CYS H 4 31.98 -23.42 21.67
N VAL H 5 31.33 -22.27 21.82
CA VAL H 5 31.80 -21.20 22.70
C VAL H 5 30.67 -20.50 23.46
N THR H 6 31.01 -19.95 24.61
CA THR H 6 30.10 -19.11 25.39
C THR H 6 30.78 -17.84 25.83
N GLY H 7 30.13 -16.70 25.66
CA GLY H 7 30.76 -15.46 26.06
C GLY H 7 30.01 -14.30 25.52
N LYS H 8 30.46 -13.09 25.83
CA LYS H 8 29.90 -11.89 25.24
C LYS H 8 30.47 -11.81 23.85
N VAL H 9 29.77 -11.02 23.04
CA VAL H 9 30.16 -10.80 21.65
C VAL H 9 31.27 -9.74 21.60
N GLU H 10 32.52 -10.16 21.48
CA GLU H 10 33.65 -9.23 21.36
C GLU H 10 33.52 -8.24 20.19
N TYR H 11 33.16 -8.72 19.00
CA TYR H 11 32.87 -7.87 17.84
C TYR H 11 32.09 -8.66 16.76
N THR H 12 31.39 -7.95 15.86
CA THR H 12 30.74 -8.57 14.69
C THR H 12 31.29 -7.97 13.43
N LYS H 13 31.13 -8.69 12.31
CA LYS H 13 31.52 -8.19 11.00
C LYS H 13 30.55 -8.60 9.96
N TYR H 14 29.95 -7.63 9.25
CA TYR H 14 29.17 -7.85 8.02
C TYR H 14 30.13 -8.15 6.89
N ASN H 15 29.91 -9.26 6.16
CA ASN H 15 30.84 -9.73 5.10
C ASN H 15 30.36 -9.38 3.69
N ASP H 16 31.31 -9.49 2.74
CA ASP H 16 30.99 -9.11 1.36
C ASP H 16 29.90 -9.99 0.62
N ASP H 17 29.69 -11.21 1.11
CA ASP H 17 28.61 -12.10 0.64
C ASP H 17 27.37 -12.06 1.53
N ASP H 18 27.14 -10.95 2.22
CA ASP H 18 26.00 -10.88 3.13
C ASP H 18 25.88 -11.97 4.23
N THR H 19 26.99 -12.64 4.57
CA THR H 19 27.06 -13.38 5.81
C THR H 19 27.47 -12.44 6.96
N PHE H 20 27.36 -12.96 8.17
CA PHE H 20 27.65 -12.20 9.35
C PHE H 20 28.65 -13.02 10.20
N THR H 21 29.80 -12.41 10.53
CA THR H 21 30.78 -12.99 11.40
C THR H 21 30.68 -12.38 12.81
N VAL H 22 31.10 -13.19 13.79
CA VAL H 22 30.97 -12.92 15.20
C VAL H 22 32.22 -13.51 15.91
N LYS H 23 32.71 -12.81 16.93
CA LYS H 23 33.81 -13.32 17.75
C LYS H 23 33.27 -13.47 19.17
N VAL H 24 33.28 -14.71 19.65
CA VAL H 24 32.81 -15.06 20.99
C VAL H 24 33.84 -16.04 21.51
N GLY H 25 34.24 -15.92 22.77
CA GLY H 25 35.33 -16.74 23.25
C GLY H 25 36.49 -16.53 22.30
N ASP H 26 37.26 -17.59 22.06
CA ASP H 26 38.47 -17.53 21.23
C ASP H 26 38.24 -17.91 19.75
N LYS H 27 36.98 -17.87 19.32
CA LYS H 27 36.58 -18.33 17.98
C LYS H 27 35.85 -17.26 17.16
N GLU H 28 36.27 -17.14 15.89
CA GLU H 28 35.58 -16.31 14.91
C GLU H 28 34.73 -17.28 14.07
N LEU H 29 33.43 -17.02 14.04
CA LEU H 29 32.49 -17.89 13.33
C LEU H 29 31.54 -17.07 12.46
N PHE H 30 30.92 -17.70 11.46
CA PHE H 30 29.93 -17.00 10.60
C PHE H 30 28.59 -17.73 10.42
N THR H 31 27.55 -16.96 10.09
CA THR H 31 26.24 -17.55 9.81
C THR H 31 25.70 -16.91 8.59
N ASN H 32 25.15 -17.74 7.71
CA ASN H 32 24.43 -17.32 6.50
C ASN H 32 22.94 -17.06 6.73
N ARG H 33 22.51 -17.08 8.00
CA ARG H 33 21.14 -16.71 8.36
C ARG H 33 21.00 -15.21 8.58
N TRP H 34 20.14 -14.59 7.80
CA TRP H 34 20.05 -13.15 7.83
C TRP H 34 19.29 -12.71 9.07
N ASN H 35 18.34 -13.52 9.48
CA ASN H 35 17.61 -13.31 10.72
C ASN H 35 18.51 -13.13 11.92
N LEU H 36 19.67 -13.74 11.97
CA LEU H 36 20.54 -13.60 13.16
C LEU H 36 21.36 -12.29 13.21
N GLN H 37 21.39 -11.55 12.11
CA GLN H 37 22.21 -10.34 12.00
C GLN H 37 21.85 -9.30 13.02
N SER H 38 20.58 -8.92 13.09
CA SER H 38 20.20 -7.90 14.08
C SER H 38 20.09 -8.42 15.51
N LEU H 39 19.87 -9.73 15.68
CA LEU H 39 19.81 -10.31 17.04
C LEU H 39 21.20 -10.33 17.69
N LEU H 40 22.16 -10.81 16.93
CA LEU H 40 23.54 -10.78 17.35
C LEU H 40 24.09 -9.37 17.64
N LEU H 41 23.72 -8.39 16.82
CA LEU H 41 24.16 -7.02 17.06
C LEU H 41 23.51 -6.49 18.31
N SER H 42 22.27 -6.92 18.61
CA SER H 42 21.54 -6.47 19.84
C SER H 42 22.16 -7.04 21.11
N ALA H 43 22.64 -8.26 20.97
CA ALA H 43 23.34 -8.98 22.03
C ALA H 43 24.71 -8.36 22.30
N GLN H 44 25.33 -7.93 21.22
CA GLN H 44 26.63 -7.26 21.34
C GLN H 44 26.39 -5.89 22.05
N ILE H 45 25.43 -5.13 21.58
CA ILE H 45 25.22 -3.80 22.10
C ILE H 45 24.82 -3.85 23.56
N THR H 46 23.96 -4.80 23.94
CA THR H 46 23.45 -4.84 25.34
C THR H 46 24.34 -5.67 26.31
N GLY H 47 25.40 -6.27 25.76
CA GLY H 47 26.32 -7.07 26.57
C GLY H 47 25.78 -8.43 26.98
N MET H 48 24.81 -8.96 26.24
CA MET H 48 24.32 -10.30 26.51
C MET H 48 25.42 -11.31 26.33
N THR H 49 25.31 -12.38 27.12
CA THR H 49 26.16 -13.57 27.03
C THR H 49 25.47 -14.56 26.15
N VAL H 50 26.15 -14.97 25.09
CA VAL H 50 25.61 -15.95 24.18
C VAL H 50 26.38 -17.23 24.23
N THR H 51 25.71 -18.30 23.84
CA THR H 51 26.35 -19.60 23.59
C THR H 51 26.11 -19.98 22.12
N ILE H 52 27.19 -20.27 21.38
CA ILE H 52 27.08 -20.76 20.02
C ILE H 52 27.26 -22.29 19.95
N LYS H 53 26.34 -22.98 19.27
CA LYS H 53 26.37 -24.42 19.10
C LYS H 53 26.72 -24.72 17.66
N THR H 54 27.83 -25.41 17.43
CA THR H 54 28.21 -25.85 16.09
C THR H 54 29.22 -26.98 16.13
N ASN H 55 29.11 -27.87 15.12
CA ASN H 55 30.08 -28.96 14.87
C ASN H 55 31.31 -28.49 14.11
N ALA H 56 31.24 -27.28 13.56
CA ALA H 56 32.38 -26.67 12.87
C ALA H 56 33.08 -25.70 13.82
N CYS H 57 33.61 -26.25 14.92
CA CYS H 57 34.14 -25.45 16.03
C CYS H 57 35.65 -25.05 15.98
N HIS H 58 35.95 -24.24 14.97
CA HIS H 58 37.28 -23.70 14.65
C HIS H 58 37.05 -22.29 14.02
N ASN H 59 38.10 -21.47 13.93
CA ASN H 59 37.99 -20.15 13.30
C ASN H 59 37.56 -20.30 11.85
N GLY H 60 36.65 -19.43 11.41
CA GLY H 60 36.09 -19.48 10.07
C GLY H 60 34.93 -20.45 9.88
N GLY H 61 34.55 -21.16 10.93
CA GLY H 61 33.57 -22.22 10.84
C GLY H 61 32.18 -21.65 10.86
N GLY H 62 31.20 -22.40 10.35
CA GLY H 62 29.81 -21.92 10.27
C GLY H 62 28.92 -22.29 11.44
N PHE H 63 27.85 -21.52 11.62
CA PHE H 63 26.89 -21.78 12.69
C PHE H 63 25.55 -21.26 12.30
N SER H 64 24.54 -21.89 12.91
CA SER H 64 23.17 -21.35 12.89
C SER H 64 22.47 -21.35 14.24
N GLU H 65 23.03 -22.00 15.25
CA GLU H 65 22.35 -22.10 16.52
C GLU H 65 22.96 -21.17 17.57
N VAL H 66 22.14 -20.32 18.18
CA VAL H 66 22.61 -19.40 19.21
C VAL H 66 21.67 -19.44 20.38
N ILE H 67 22.23 -19.29 21.56
CA ILE H 67 21.44 -19.13 22.75
C ILE H 67 21.74 -17.76 23.38
N PHE H 68 20.69 -16.98 23.60
CA PHE H 68 20.81 -15.68 24.20
C PHE H 68 20.45 -15.78 25.72
N ARG H 69 21.39 -15.40 26.58
CA ARG H 69 21.17 -15.43 28.04
C ARG H 69 21.26 -14.06 28.73
N THR I 1 -7.57 -19.63 22.82
CA THR I 1 -6.48 -20.52 23.25
C THR I 1 -6.18 -20.31 24.74
N PRO I 2 -6.01 -21.41 25.49
CA PRO I 2 -5.69 -21.30 26.92
C PRO I 2 -4.29 -20.73 27.19
N ASP I 3 -4.19 -19.98 28.28
CA ASP I 3 -2.92 -19.55 28.83
C ASP I 3 -2.10 -20.77 29.10
N CYS I 4 -0.79 -20.65 29.01
CA CYS I 4 0.14 -21.78 29.16
C CYS I 4 1.22 -21.45 30.20
N VAL I 5 1.95 -20.35 30.01
CA VAL I 5 2.88 -19.80 31.03
C VAL I 5 2.93 -18.27 31.05
N THR I 6 3.24 -17.69 32.21
CA THR I 6 3.44 -16.26 32.30
C THR I 6 4.73 -16.00 32.99
N GLY I 7 5.53 -15.06 32.55
CA GLY I 7 6.80 -14.80 33.21
C GLY I 7 7.73 -14.02 32.32
N LYS I 8 8.89 -13.62 32.84
CA LYS I 8 9.89 -13.00 31.99
C LYS I 8 10.49 -14.07 31.13
N VAL I 9 11.14 -13.66 30.06
CA VAL I 9 11.84 -14.55 29.18
C VAL I 9 13.20 -14.86 29.76
N GLU I 10 13.35 -16.05 30.33
CA GLU I 10 14.63 -16.56 30.92
C GLU I 10 15.78 -16.63 29.88
N TYR I 11 15.49 -17.16 28.68
CA TYR I 11 16.45 -17.24 27.55
C TYR I 11 15.76 -17.62 26.25
N THR I 12 16.36 -17.22 25.13
CA THR I 12 15.85 -17.60 23.82
C THR I 12 16.90 -18.48 23.13
N LYS I 13 16.48 -19.17 22.07
CA LYS I 13 17.41 -19.87 21.19
C LYS I 13 16.92 -19.82 19.75
N TYR I 14 17.78 -19.34 18.88
CA TYR I 14 17.59 -19.53 17.44
C TYR I 14 18.00 -20.98 17.08
N ASN I 15 17.12 -21.65 16.31
CA ASN I 15 17.25 -23.06 15.95
C ASN I 15 17.66 -23.26 14.52
N ASP I 16 18.17 -24.46 14.24
CA ASP I 16 18.74 -24.77 12.93
C ASP I 16 17.71 -24.81 11.79
N ASP I 17 16.43 -24.92 12.08
CA ASP I 17 15.38 -24.78 11.06
C ASP I 17 14.69 -23.38 11.06
N ASP I 18 15.43 -22.36 11.47
CA ASP I 18 14.91 -21.00 11.52
C ASP I 18 13.70 -20.81 12.40
N THR I 19 13.42 -21.74 13.32
CA THR I 19 12.45 -21.49 14.40
C THR I 19 13.15 -20.85 15.58
N PHE I 20 12.35 -20.47 16.55
CA PHE I 20 12.82 -19.63 17.68
C PHE I 20 12.24 -20.18 18.99
N THR I 21 13.10 -20.68 19.86
CA THR I 21 12.67 -21.23 21.14
C THR I 21 12.80 -20.20 22.29
N VAL I 22 11.99 -20.37 23.30
CA VAL I 22 11.88 -19.40 24.35
C VAL I 22 11.64 -20.17 25.63
N LYS I 23 12.18 -19.72 26.75
CA LYS I 23 11.89 -20.36 28.05
C LYS I 23 11.23 -19.32 28.96
N VAL I 24 10.01 -19.60 29.35
CA VAL I 24 9.17 -18.73 30.18
C VAL I 24 8.47 -19.60 31.18
N GLY I 25 8.45 -19.21 32.44
CA GLY I 25 8.03 -20.13 33.47
C GLY I 25 8.88 -21.38 33.42
N ASP I 26 8.24 -22.54 33.54
CA ASP I 26 8.93 -23.83 33.54
C ASP I 26 8.91 -24.55 32.19
N LYS I 27 8.54 -23.83 31.13
CA LYS I 27 8.31 -24.40 29.79
C LYS I 27 9.30 -23.83 28.75
N GLU I 28 9.84 -24.72 27.91
CA GLU I 28 10.57 -24.34 26.72
C GLU I 28 9.64 -24.54 25.53
N LEU I 29 9.35 -23.50 24.76
CA LEU I 29 8.43 -23.61 23.64
C LEU I 29 9.01 -22.96 22.40
N PHE I 30 8.50 -23.29 21.23
CA PHE I 30 9.01 -22.70 19.98
C PHE I 30 7.93 -22.12 19.07
N THR I 31 8.34 -21.22 18.19
CA THR I 31 7.46 -20.64 17.21
C THR I 31 8.14 -20.53 15.85
N ASN I 32 7.40 -20.99 14.85
CA ASN I 32 7.81 -20.90 13.48
C ASN I 32 7.45 -19.56 12.84
N ARG I 33 6.95 -18.62 13.62
CA ARG I 33 6.64 -17.27 13.10
C ARG I 33 7.87 -16.36 13.23
N TRP I 34 8.34 -15.82 12.11
CA TRP I 34 9.63 -15.13 12.09
C TRP I 34 9.49 -13.74 12.68
N ASN I 35 8.34 -13.16 12.38
CA ASN I 35 7.92 -11.94 13.01
C ASN I 35 8.18 -11.92 14.51
N LEU I 36 7.96 -13.02 15.20
CA LEU I 36 8.07 -12.98 16.66
C LEU I 36 9.52 -12.97 17.17
N GLN I 37 10.47 -13.34 16.31
CA GLN I 37 11.87 -13.46 16.74
C GLN I 37 12.38 -12.14 17.42
N SER I 38 12.28 -11.01 16.72
CA SER I 38 12.85 -9.81 17.33
C SER I 38 11.92 -9.24 18.40
N LEU I 39 10.64 -9.55 18.38
CA LEU I 39 9.77 -9.03 19.42
C LEU I 39 10.16 -9.73 20.70
N LEU I 40 10.29 -11.06 20.64
CA LEU I 40 10.62 -11.84 21.80
C LEU I 40 11.98 -11.44 22.32
N LEU I 41 12.93 -11.21 21.43
CA LEU I 41 14.25 -10.83 21.91
C LEU I 41 14.20 -9.49 22.60
N SER I 42 13.32 -8.59 22.15
CA SER I 42 13.17 -7.25 22.81
C SER I 42 12.63 -7.34 24.22
N ALA I 43 11.66 -8.25 24.37
CA ALA I 43 11.01 -8.54 25.63
C ALA I 43 12.01 -9.14 26.61
N GLN I 44 12.87 -9.99 26.06
CA GLN I 44 13.88 -10.60 26.90
C GLN I 44 14.84 -9.55 27.37
N ILE I 45 15.33 -8.70 26.44
CA ILE I 45 16.31 -7.66 26.74
C ILE I 45 15.74 -6.63 27.71
N THR I 46 14.49 -6.18 27.53
CA THR I 46 13.92 -5.13 28.37
C THR I 46 13.21 -5.67 29.65
N GLY I 47 13.21 -7.00 29.84
CA GLY I 47 12.60 -7.57 31.04
C GLY I 47 11.08 -7.57 31.12
N MET I 48 10.43 -7.49 29.96
CA MET I 48 8.99 -7.58 29.87
C MET I 48 8.55 -8.94 30.38
N THR I 49 7.37 -8.89 30.98
CA THR I 49 6.60 -10.03 31.37
C THR I 49 5.70 -10.41 30.20
N VAL I 50 5.87 -11.63 29.68
CA VAL I 50 4.99 -12.18 28.64
C VAL I 50 4.09 -13.33 29.13
N THR I 51 3.01 -13.54 28.41
CA THR I 51 2.15 -14.69 28.59
C THR I 51 2.05 -15.40 27.19
N ILE I 52 2.35 -16.67 27.20
CA ILE I 52 2.23 -17.46 26.00
C ILE I 52 0.99 -18.32 26.04
N LYS I 53 0.18 -18.25 24.99
CA LYS I 53 -1.05 -19.01 24.88
C LYS I 53 -0.74 -20.15 23.93
N THR I 54 -1.01 -21.39 24.35
CA THR I 54 -0.96 -22.51 23.43
C THR I 54 -1.67 -23.73 24.01
N ASN I 55 -2.23 -24.54 23.14
CA ASN I 55 -2.79 -25.82 23.52
C ASN I 55 -1.76 -26.92 23.59
N ALA I 56 -0.53 -26.66 23.13
CA ALA I 56 0.57 -27.63 23.20
C ALA I 56 1.46 -27.22 24.37
N CYS I 57 0.90 -27.28 25.58
CA CYS I 57 1.54 -26.67 26.73
C CYS I 57 2.50 -27.57 27.47
N HIS I 58 3.57 -27.93 26.76
CA HIS I 58 4.60 -28.77 27.31
C HIS I 58 5.93 -28.51 26.66
N ASN I 59 7.02 -28.99 27.28
CA ASN I 59 8.35 -28.73 26.73
C ASN I 59 8.46 -29.24 25.30
N GLY I 60 9.00 -28.41 24.43
CA GLY I 60 9.11 -28.74 23.04
C GLY I 60 7.88 -28.40 22.23
N GLY I 61 6.83 -27.84 22.86
CA GLY I 61 5.54 -27.58 22.19
C GLY I 61 5.51 -26.28 21.42
N GLY I 62 4.65 -26.17 20.42
CA GLY I 62 4.63 -24.98 19.56
C GLY I 62 3.67 -23.90 19.99
N PHE I 63 3.96 -22.65 19.62
CA PHE I 63 3.08 -21.48 19.95
C PHE I 63 3.17 -20.36 18.93
N SER I 64 2.10 -19.62 18.84
CA SER I 64 2.07 -18.42 18.02
C SER I 64 1.49 -17.24 18.78
N GLU I 65 0.86 -17.44 19.90
CA GLU I 65 0.22 -16.35 20.55
C GLU I 65 1.02 -15.89 21.72
N VAL I 66 1.36 -14.62 21.77
CA VAL I 66 2.09 -14.00 22.88
C VAL I 66 1.46 -12.69 23.29
N ILE I 67 1.45 -12.42 24.58
CA ILE I 67 0.98 -11.17 25.13
C ILE I 67 2.10 -10.42 25.85
N PHE I 68 2.40 -9.19 25.43
CA PHE I 68 3.50 -8.45 25.97
C PHE I 68 2.90 -7.48 27.00
N ARG I 69 3.39 -7.53 28.23
CA ARG I 69 2.88 -6.64 29.28
C ARG I 69 3.99 -5.71 29.78
N THR J 1 -10.03 9.97 9.00
CA THR J 1 -10.57 9.02 9.97
C THR J 1 -10.71 9.64 11.38
N PRO J 2 -11.79 9.35 12.10
CA PRO J 2 -11.92 9.87 13.45
C PRO J 2 -10.94 9.21 14.46
N ASP J 3 -10.49 10.04 15.41
CA ASP J 3 -9.77 9.59 16.59
C ASP J 3 -10.58 8.56 17.29
N CYS J 4 -9.97 7.60 17.95
CA CYS J 4 -10.72 6.52 18.56
C CYS J 4 -10.34 6.40 20.00
N VAL J 5 -9.04 6.18 20.24
CA VAL J 5 -8.51 6.24 21.60
C VAL J 5 -7.14 6.89 21.64
N THR J 6 -6.83 7.49 22.77
CA THR J 6 -5.51 7.99 23.05
C THR J 6 -4.99 7.47 24.44
N GLY J 7 -3.76 7.06 24.48
CA GLY J 7 -3.15 6.63 25.68
C GLY J 7 -1.79 6.01 25.44
N LYS J 8 -1.24 5.47 26.52
CA LYS J 8 -0.12 4.56 26.44
C LYS J 8 -0.60 3.19 26.14
N VAL J 9 0.29 2.36 25.60
CA VAL J 9 -0.08 0.98 25.22
C VAL J 9 -0.15 0.06 26.44
N GLU J 10 -1.32 -0.29 26.95
CA GLU J 10 -1.45 -1.18 28.12
C GLU J 10 -0.84 -2.58 27.95
N TYR J 11 -1.08 -3.22 26.82
CA TYR J 11 -0.46 -4.49 26.43
C TYR J 11 -0.71 -4.72 24.91
N THR J 12 0.10 -5.60 24.31
CA THR J 12 -0.09 -6.00 22.91
C THR J 12 -0.19 -7.47 22.85
N LYS J 13 -0.79 -8.02 21.80
CA LYS J 13 -0.88 -9.46 21.63
C LYS J 13 -0.64 -9.87 20.17
N TYR J 14 0.31 -10.79 19.95
CA TYR J 14 0.52 -11.44 18.66
C TYR J 14 -0.51 -12.52 18.57
N ASN J 15 -1.21 -12.58 17.46
CA ASN J 15 -2.37 -13.44 17.27
C ASN J 15 -2.08 -14.55 16.30
N ASP J 16 -2.93 -15.57 16.33
CA ASP J 16 -2.62 -16.78 15.57
C ASP J 16 -2.61 -16.60 14.07
N ASP J 17 -3.30 -15.57 13.57
CA ASP J 17 -3.35 -15.25 12.10
C ASP J 17 -2.36 -14.17 11.69
N ASP J 18 -1.28 -14.07 12.46
CA ASP J 18 -0.29 -13.00 12.30
C ASP J 18 -0.83 -11.54 12.36
N THR J 19 -2.00 -11.31 12.96
CA THR J 19 -2.42 -9.94 13.25
C THR J 19 -1.91 -9.64 14.60
N PHE J 20 -1.97 -8.37 14.95
CA PHE J 20 -1.38 -7.83 16.16
C PHE J 20 -2.43 -7.01 16.91
N THR J 21 -2.69 -7.37 18.13
CA THR J 21 -3.65 -6.68 18.93
C THR J 21 -3.00 -5.76 19.95
N VAL J 22 -3.70 -4.66 20.26
CA VAL J 22 -3.21 -3.61 21.10
C VAL J 22 -4.36 -3.13 22.04
N LYS J 23 -4.07 -2.80 23.31
CA LYS J 23 -5.03 -2.18 24.25
C LYS J 23 -4.58 -0.80 24.63
N VAL J 24 -5.36 0.16 24.27
CA VAL J 24 -5.06 1.57 24.50
C VAL J 24 -6.40 2.18 24.97
N GLY J 25 -6.37 3.00 26.02
CA GLY J 25 -7.62 3.48 26.56
C GLY J 25 -8.37 2.25 26.98
N ASP J 26 -9.68 2.28 26.75
CA ASP J 26 -10.61 1.19 27.10
C ASP J 26 -10.95 0.22 25.94
N LYS J 27 -10.17 0.29 24.86
CA LYS J 27 -10.46 -0.47 23.65
C LYS J 27 -9.33 -1.44 23.31
N GLU J 28 -9.69 -2.68 22.95
CA GLU J 28 -8.78 -3.69 22.33
C GLU J 28 -9.04 -3.74 20.80
N LEU J 29 -8.00 -3.45 20.02
CA LEU J 29 -8.14 -3.29 18.55
C LEU J 29 -7.06 -4.07 17.88
N PHE J 30 -7.25 -4.42 16.62
CA PHE J 30 -6.19 -5.15 15.87
C PHE J 30 -5.84 -4.54 14.53
N THR J 31 -4.65 -4.84 14.05
CA THR J 31 -4.18 -4.40 12.72
C THR J 31 -3.51 -5.54 11.97
N ASN J 32 -3.87 -5.67 10.72
CA ASN J 32 -3.29 -6.69 9.84
C ASN J 32 -2.02 -6.18 9.13
N ARG J 33 -1.59 -4.97 9.51
CA ARG J 33 -0.33 -4.42 8.99
C ARG J 33 0.89 -4.90 9.80
N TRP J 34 1.77 -5.61 9.11
CA TRP J 34 2.91 -6.24 9.78
C TRP J 34 3.95 -5.20 10.19
N ASN J 35 4.13 -4.22 9.33
CA ASN J 35 4.92 -3.07 9.65
C ASN J 35 4.67 -2.43 10.98
N LEU J 36 3.43 -2.40 11.45
CA LEU J 36 3.08 -1.80 12.77
C LEU J 36 3.55 -2.61 14.07
N GLN J 37 3.81 -3.89 13.87
CA GLN J 37 4.09 -4.78 14.97
C GLN J 37 5.24 -4.33 15.83
N SER J 38 6.38 -4.11 15.22
CA SER J 38 7.50 -3.66 16.01
C SER J 38 7.38 -2.14 16.42
N LEU J 39 6.66 -1.34 15.64
CA LEU J 39 6.54 0.08 16.04
C LEU J 39 5.71 0.18 17.33
N LEU J 40 4.62 -0.55 17.34
CA LEU J 40 3.73 -0.59 18.50
C LEU J 40 4.38 -1.19 19.71
N LEU J 41 5.17 -2.27 19.54
CA LEU J 41 5.90 -2.81 20.68
C LEU J 41 6.91 -1.74 21.21
N SER J 42 7.52 -0.97 20.32
CA SER J 42 8.52 0.00 20.71
C SER J 42 7.89 1.07 21.51
N ALA J 43 6.69 1.44 21.09
CA ALA J 43 5.88 2.47 21.77
C ALA J 43 5.39 1.98 23.15
N GLN J 44 5.12 0.66 23.21
CA GLN J 44 4.76 0.07 24.47
C GLN J 44 5.98 0.09 25.42
N ILE J 45 7.13 -0.41 24.96
CA ILE J 45 8.30 -0.54 25.78
C ILE J 45 8.73 0.85 26.25
N THR J 46 8.72 1.87 25.38
CA THR J 46 9.26 3.19 25.78
C THR J 46 8.22 4.09 26.49
N GLY J 47 6.99 3.61 26.64
CA GLY J 47 5.95 4.44 27.24
C GLY J 47 5.40 5.64 26.43
N MET J 48 5.54 5.57 25.11
CA MET J 48 4.97 6.57 24.21
C MET J 48 3.48 6.52 24.36
N THR J 49 2.93 7.72 24.12
CA THR J 49 1.49 7.95 24.03
C THR J 49 1.10 7.85 22.57
N VAL J 50 0.19 6.92 22.27
CA VAL J 50 -0.31 6.83 20.92
C VAL J 50 -1.81 7.18 20.80
N THR J 51 -2.19 7.57 19.59
CA THR J 51 -3.55 7.81 19.25
C THR J 51 -3.77 6.89 18.07
N ILE J 52 -4.82 6.11 18.17
CA ILE J 52 -5.31 5.27 17.09
C ILE J 52 -6.53 5.89 16.43
N LYS J 53 -6.51 5.96 15.12
CA LYS J 53 -7.64 6.47 14.33
C LYS J 53 -8.37 5.30 13.61
N THR J 54 -9.66 5.14 13.87
CA THR J 54 -10.42 4.11 13.20
C THR J 54 -11.93 4.37 13.30
N ASN J 55 -12.64 4.01 12.23
CA ASN J 55 -14.07 4.04 12.20
C ASN J 55 -14.66 2.80 12.85
N ALA J 56 -13.89 1.78 13.10
CA ALA J 56 -14.40 0.60 13.78
C ALA J 56 -14.03 0.70 15.25
N CYS J 57 -14.56 1.71 15.93
CA CYS J 57 -14.06 2.03 17.25
C CYS J 57 -14.72 1.28 18.40
N HIS J 58 -14.41 0.00 18.47
CA HIS J 58 -15.05 -0.86 19.46
C HIS J 58 -14.21 -2.08 19.69
N ASN J 59 -14.40 -2.80 20.81
CA ASN J 59 -13.50 -3.96 21.09
C ASN J 59 -13.53 -4.95 19.99
N GLY J 60 -12.38 -5.40 19.55
CA GLY J 60 -12.29 -6.29 18.42
C GLY J 60 -12.20 -5.69 17.04
N GLY J 61 -12.28 -4.34 16.97
CA GLY J 61 -12.33 -3.55 15.73
C GLY J 61 -10.99 -3.35 15.09
N GLY J 62 -10.93 -3.16 13.80
CA GLY J 62 -9.64 -3.01 13.12
C GLY J 62 -9.11 -1.57 13.02
N PHE J 63 -7.82 -1.45 12.80
CA PHE J 63 -7.19 -0.16 12.58
C PHE J 63 -5.93 -0.34 11.81
N SER J 64 -5.53 0.72 11.13
CA SER J 64 -4.24 0.83 10.50
C SER J 64 -3.59 2.18 10.78
N GLU J 65 -4.30 3.19 11.30
CA GLU J 65 -3.70 4.51 11.50
C GLU J 65 -3.33 4.76 12.93
N VAL J 66 -2.05 5.09 13.16
CA VAL J 66 -1.52 5.30 14.49
C VAL J 66 -0.69 6.54 14.52
N ILE J 67 -0.77 7.33 15.60
CA ILE J 67 0.07 8.49 15.79
C ILE J 67 0.93 8.32 17.03
N PHE J 68 2.25 8.45 16.86
CA PHE J 68 3.23 8.22 17.91
C PHE J 68 3.78 9.53 18.47
N ARG J 69 3.45 9.86 19.72
CA ARG J 69 3.74 11.18 20.31
C ARG J 69 4.76 10.94 21.41
C1 GLC K . -7.37 9.41 4.62
C2 GLC K . -7.79 8.08 5.28
C3 GLC K . -7.76 6.86 4.28
C4 GLC K . -8.61 7.27 3.06
C5 GLC K . -8.09 8.64 2.58
C6 GLC K . -8.62 9.19 1.26
O1 GLC K . -7.47 10.39 5.55
O2 GLC K . -7.07 7.89 6.49
O3 GLC K . -8.01 5.54 4.85
O4 GLC K . -8.25 6.32 2.14
O5 GLC K . -8.32 9.59 3.59
O6 GLC K . -9.93 8.69 1.24
C1 GAL K . -9.36 5.46 1.67
C2 GAL K . -8.80 4.73 0.42
C3 GAL K . -9.61 3.50 0.01
C4 GAL K . -9.94 2.65 1.26
C5 GAL K . -10.62 3.37 2.45
C6 GAL K . -10.58 2.60 3.80
O2 GAL K . -8.70 5.77 -0.56
O3 GAL K . -9.01 2.73 -1.04
O4 GAL K . -8.75 2.01 1.68
O5 GAL K . -10.01 4.61 2.69
O6 GAL K . -11.58 2.91 4.80
C1 GLA K . -8.69 0.57 1.41
C2 GLA K . -7.54 0.13 2.33
C3 GLA K . -6.22 0.75 1.83
C4 GLA K . -5.97 0.36 0.37
C5 GLA K . -7.23 0.56 -0.52
C6 GLA K . -6.98 0.02 -1.94
O2 GLA K . -7.69 0.54 3.67
O3 GLA K . -5.19 0.40 2.71
O4 GLA K . -5.48 -0.96 0.42
O5 GLA K . -8.51 0.13 0.04
O6 GLA K . -8.08 0.09 -2.81
C1 GLC L . -0.97 -16.43 8.29
C2 GLC L . -0.51 -15.64 7.05
C3 GLC L . -1.47 -14.49 6.88
C4 GLC L . -2.90 -15.01 6.84
C5 GLC L . -3.17 -15.98 7.95
C6 GLC L . -4.59 -16.56 7.88
O1 GLC L . -0.16 -17.50 8.62
O2 GLC L . 0.88 -15.33 6.93
O3 GLC L . -1.37 -14.04 5.55
O4 GLC L . -3.85 -13.96 6.85
O5 GLC L . -2.18 -17.02 7.91
O6 GLC L . -5.02 -16.98 6.58
C1 GAL L . -4.80 -13.88 5.74
C2 GAL L . -5.94 -12.98 6.14
C3 GAL L . -6.98 -12.97 5.00
C4 GAL L . -6.25 -12.68 3.70
C5 GAL L . -5.15 -13.72 3.51
C6 GAL L . -4.38 -13.82 2.17
O2 GAL L . -6.50 -13.32 7.41
O3 GAL L . -8.00 -12.01 5.28
O4 GAL L . -5.67 -11.38 3.76
O5 GAL L . -4.29 -13.31 4.56
O6 GAL L . -3.17 -14.58 2.40
C1 GLA L . -6.02 -10.45 2.70
C2 GLA L . -5.00 -9.33 2.78
C3 GLA L . -5.34 -8.36 3.88
C4 GLA L . -6.76 -7.85 3.59
C5 GLA L . -7.71 -9.05 3.68
C6 GLA L . -9.09 -8.57 3.35
O2 GLA L . -3.78 -9.94 3.08
O3 GLA L . -4.40 -7.34 3.93
O4 GLA L . -6.93 -7.37 2.28
O5 GLA L . -7.37 -10.08 2.80
O6 GLA L . -9.21 -8.74 1.97
C1 GLC M . -1.90 9.78 2.99
C2 GLC M . -0.57 9.20 2.39
C3 GLC M . -0.61 9.02 0.85
C4 GLC M . -2.02 8.66 0.40
C5 GLC M . -3.11 9.48 1.15
C6 GLC M . -4.55 9.40 0.64
O1 GLC M . -1.92 9.78 4.38
O2 GLC M . 0.57 10.02 2.69
O3 GLC M . 0.28 8.08 0.31
O4 GLC M . -1.91 8.86 -1.01
O5 GLC M . -3.07 9.13 2.53
O6 GLC M . -4.66 8.01 0.53
C1 GAL M . -2.66 7.91 -1.82
C2 GAL M . -3.16 8.52 -3.20
C3 GAL M . -3.40 7.33 -4.18
C4 GAL M . -2.17 6.37 -4.20
C5 GAL M . -1.79 5.80 -2.84
C6 GAL M . -0.46 4.99 -2.84
O2 GAL M . -4.21 9.56 -3.19
O3 GAL M . -3.69 7.78 -5.50
O4 GAL M . -0.98 6.95 -4.73
O5 GAL M . -1.72 6.82 -1.85
O6 GAL M . -0.08 4.59 -1.51
C1 GLA M . -0.59 6.45 -6.08
C2 GLA M . 0.86 6.83 -6.54
C3 GLA M . 0.77 8.31 -6.69
C4 GLA M . 0.06 8.59 -8.00
C5 GLA M . -1.38 8.03 -7.89
C6 GLA M . -2.05 7.98 -9.26
O2 GLA M . 1.96 6.42 -5.72
O3 GLA M . 2.00 8.87 -6.60
O4 GLA M . 0.78 8.02 -9.06
O5 GLA M . -1.51 6.76 -7.21
O6 GLA M . -1.44 6.99 -10.11
C1 GLC N . 18.79 3.79 -12.58
C2 GLC N . 17.85 4.81 -13.17
C3 GLC N . 16.43 4.61 -12.58
C4 GLC N . 16.02 3.07 -12.54
C5 GLC N . 17.21 2.08 -12.31
C6 GLC N . 16.96 0.56 -12.43
O1 GLC N . 20.07 4.10 -13.02
O2 GLC N . 18.35 6.08 -12.94
O3 GLC N . 15.51 5.54 -13.21
O4 GLC N . 15.08 2.83 -11.50
O5 GLC N . 18.34 2.50 -13.06
O6 GLC N . 17.02 0.19 -13.74
C1 GAL N . 14.00 2.20 -12.14
C2 GAL N . 13.10 1.68 -11.01
C3 GAL N . 11.82 1.10 -11.68
C4 GAL N . 11.17 2.03 -12.73
C5 GAL N . 12.29 2.50 -13.77
C6 GAL N . 11.95 3.24 -15.13
O2 GAL N . 13.80 0.79 -10.12
O3 GAL N . 10.84 0.85 -10.73
O4 GAL N . 10.47 2.99 -11.93
O5 GAL N . 13.40 3.10 -13.09
O6 GAL N . 12.97 4.17 -15.53
C1 GLA N . 9.10 3.37 -12.28
C2 GLA N . 8.70 4.80 -11.83
C3 GLA N . 8.79 4.83 -10.29
C4 GLA N . 7.86 3.69 -9.80
C5 GLA N . 8.10 2.36 -10.42
C6 GLA N . 6.85 1.53 -10.16
O2 GLA N . 9.48 5.82 -12.42
O3 GLA N . 8.62 6.11 -9.59
O4 GLA N . 6.51 3.98 -10.05
O5 GLA N . 8.17 2.45 -11.80
O6 GLA N . 5.87 1.96 -11.07
C1 GLC O . 4.83 -7.78 -5.58
C2 GLC O . 4.73 -6.33 -6.05
C3 GLC O . 5.64 -5.41 -5.19
C4 GLC O . 5.90 -5.81 -3.74
C5 GLC O . 6.03 -7.34 -3.82
C6 GLC O . 6.56 -8.11 -2.62
O1 GLC O . 3.90 -8.61 -6.12
O2 GLC O . 5.16 -6.31 -7.43
O3 GLC O . 5.14 -4.12 -5.12
O4 GLC O . 7.01 -5.05 -3.28
O5 GLC O . 4.71 -7.82 -4.18
O6 GLC O . 6.12 -7.32 -1.60
C1 GAL O . 6.88 -4.33 -1.99
C2 GAL O . 8.22 -4.16 -1.23
C3 GAL O . 8.03 -3.42 0.13
C4 GAL O . 7.30 -2.09 -0.07
C5 GAL O . 6.01 -2.32 -0.86
C6 GAL O . 5.29 -0.96 -1.04
O2 GAL O . 9.04 -5.36 -1.12
O3 GAL O . 9.25 -3.24 0.86
O4 GAL O . 8.02 -1.22 -0.92
O5 GAL O . 6.30 -3.02 -2.11
O6 GAL O . 4.29 -0.95 -2.05
C1 GLA O . 8.89 -0.15 -0.41
C2 GLA O . 9.32 0.80 -1.55
C3 GLA O . 10.46 0.03 -2.23
C4 GLA O . 11.61 0.40 -1.38
C5 GLA O . 11.34 -0.38 -0.07
C6 GLA O . 12.09 0.06 1.14
O2 GLA O . 8.25 1.02 -2.43
O3 GLA O . 10.84 0.34 -3.53
O4 GLA O . 11.62 1.82 -1.39
O5 GLA O . 10.00 -0.71 0.30
O6 GLA O . 12.45 1.38 0.91
C1 GLA P . -0.62 28.17 -20.26
C2 GLA P . 0.10 26.79 -20.04
C3 GLA P . -0.52 25.59 -20.78
C4 GLA P . -2.02 25.63 -20.85
C5 GLA P . -2.31 26.88 -21.68
C6 GLA P . -3.82 26.66 -21.96
O2 GLA P . 1.54 26.75 -20.29
O3 GLA P . -0.30 24.38 -20.10
O4 GLA P . -2.68 25.63 -19.56
O5 GLA P . -1.83 28.12 -21.04
O6 GLA P . -4.22 27.56 -22.89
C1 GLA P . -3.83 24.71 -19.47
C2 GLA P . -4.61 24.92 -18.18
C3 GLA P . -3.64 24.74 -17.07
C4 GLA P . -3.01 23.38 -17.11
C5 GLA P . -2.42 23.14 -18.48
C6 GLA P . -1.82 21.73 -18.64
O2 GLA P . -5.14 26.19 -18.00
O3 GLA P . -4.44 24.94 -15.95
O4 GLA P . -4.01 22.42 -16.97
O5 GLA P . -3.45 23.34 -19.44
O6 GLA P . -2.51 20.64 -18.06
C1 GLC Q . 11.72 28.16 -21.30
C2 GLC Q . 13.08 28.53 -21.96
C3 GLC Q . 13.07 29.17 -23.33
C4 GLC Q . 11.66 29.62 -23.78
C5 GLC Q . 10.43 29.27 -22.93
C6 GLC Q . 9.26 29.09 -23.87
O1 GLC Q . 11.78 26.96 -20.56
O2 GLC Q . 13.61 29.65 -21.33
O3 GLC Q . 13.82 28.41 -24.29
O4 GLC Q . 11.64 31.04 -23.89
O5 GLC Q . 10.67 28.05 -22.28
O6 GLC Q . 9.53 27.94 -24.64
C1 GAL Q . 11.74 31.35 -25.28
C2 GAL Q . 11.24 32.78 -25.42
C3 GAL Q . 11.27 32.98 -26.96
C4 GAL Q . 12.68 32.66 -27.60
C5 GAL Q . 12.92 31.17 -27.33
C6 GAL Q . 14.11 30.53 -28.06
O2 GAL Q . 9.98 32.60 -24.78
O3 GAL Q . 10.78 34.22 -27.39
O4 GAL Q . 13.80 33.48 -27.18
O5 GAL Q . 13.01 31.09 -25.91
O6 GAL Q . 14.08 29.20 -27.62
C1 GLA Q . 14.39 34.24 -28.25
C2 GLA Q . 15.37 35.28 -27.77
C3 GLA Q . 14.71 36.53 -27.13
C4 GLA Q . 13.73 37.14 -28.11
C5 GLA Q . 12.76 36.06 -28.52
C6 GLA Q . 11.79 36.57 -29.61
O2 GLA Q . 16.17 34.56 -26.89
O3 GLA Q . 15.60 37.58 -26.82
O4 GLA Q . 14.40 37.54 -29.29
O5 GLA Q . 13.45 34.94 -29.03
O6 GLA Q . 12.27 36.73 -30.94
C1 GLA R . -11.96 17.30 -3.14
C2 GLA R . -13.09 16.25 -3.48
C3 GLA R . -13.71 16.37 -4.97
C4 GLA R . -13.89 17.79 -5.66
C5 GLA R . -12.88 18.80 -5.02
C6 GLA R . -13.32 20.26 -5.31
O2 GLA R . -12.85 14.86 -3.04
O3 GLA R . -14.85 15.56 -5.16
O4 GLA R . -15.15 18.42 -6.15
O5 GLA R . -12.41 18.60 -3.63
O6 GLA R . -13.26 20.79 -6.66
C1 GLA R . -16.55 17.86 -6.30
C2 GLA R . -17.64 18.83 -5.76
C3 GLA R . -18.23 18.41 -4.40
C4 GLA R . -18.99 17.13 -4.46
C5 GLA R . -18.23 16.17 -5.39
C6 GLA R . -19.11 15.77 -6.54
O2 GLA R . -16.97 20.03 -5.45
O3 GLA R . -19.09 19.32 -3.78
O4 GLA R . -20.33 17.39 -4.81
O5 GLA R . -16.88 16.53 -5.80
O6 GLA R . -18.37 14.89 -7.37
C2 BGC S . -32.18 29.64 -6.27
C3 BGC S . -30.75 29.14 -6.26
C4 BGC S . -30.38 29.06 -7.71
C5 BGC S . -30.44 30.44 -8.34
C6 BGC S . -30.45 30.35 -9.88
C1 BGC S . -32.14 31.13 -6.60
O1 BGC S . -33.46 31.67 -6.68
O2 BGC S . -32.84 29.45 -5.06
O3 BGC S . -30.62 27.87 -5.66
O4 BGC S . -29.06 28.58 -7.89
O5 BGC S . -31.49 31.29 -7.86
O6 BGC S . -31.72 30.28 -10.52
C1 GAL S . -28.96 27.63 -8.98
C2 GAL S . -27.46 27.51 -9.30
C3 GAL S . -27.23 26.47 -10.37
C4 GAL S . -27.86 25.16 -9.92
C5 GAL S . -29.40 25.35 -9.70
C6 GAL S . -30.25 24.09 -9.35
O2 GAL S . -27.00 28.76 -9.77
O3 GAL S . -25.86 26.43 -10.62
O4 GAL S . -27.18 24.74 -8.77
O5 GAL S . -29.53 26.36 -8.68
O6 GAL S . -31.59 24.40 -8.92
C1 GLA S . -26.75 23.42 -9.08
C2 GLA S . -26.41 22.79 -7.78
C3 GLA S . -25.34 23.65 -7.13
C4 GLA S . -24.11 23.64 -8.00
C5 GLA S . -24.39 23.88 -9.47
C6 GLA S . -23.25 23.40 -10.38
O2 GLA S . -27.64 22.90 -7.14
O3 GLA S . -24.98 23.06 -5.93
O4 GLA S . -23.58 22.36 -7.92
O5 GLA S . -25.62 23.30 -9.91
O6 GLA S . -23.24 21.99 -10.35
C2 BGC T . -31.51 36.05 -20.10
C3 BGC T . -30.01 35.89 -20.28
C4 BGC T . -29.49 35.77 -18.87
C5 BGC T . -30.07 34.54 -18.21
C6 BGC T . -29.87 34.58 -16.68
C1 BGC T . -32.08 34.69 -19.74
O1 BGC T . -33.49 34.77 -19.50
O2 BGC T . -32.16 36.54 -21.23
O3 BGC T . -29.42 37.00 -20.92
O4 BGC T . -28.09 35.63 -18.85
O5 BGC T . -31.44 34.24 -18.55
O6 BGC T . -30.91 35.17 -15.92
C1 GAL T . -27.47 36.42 -17.81
C2 GAL T . -26.05 35.88 -17.65
C3 GAL T . -25.27 36.69 -16.63
C4 GAL T . -25.33 38.15 -17.05
C5 GAL T . -26.81 38.65 -17.10
C6 GAL T . -27.06 40.16 -17.38
O2 GAL T . -26.12 34.54 -17.20
O3 GAL T . -23.99 36.13 -16.54
O4 GAL T . -24.65 38.27 -18.27
O5 GAL T . -27.48 37.82 -18.07
O6 GAL T . -28.43 40.47 -17.65
C1 GLA T . -23.67 39.26 -18.05
C2 GLA T . -23.23 39.72 -19.39
C3 GLA T . -22.71 38.50 -20.13
C4 GLA T . -21.51 37.96 -19.40
C5 GLA T . -21.71 37.83 -17.90
C6 GLA T . -20.39 37.75 -17.14
O2 GLA T . -24.44 40.17 -19.89
O3 GLA T . -22.26 38.90 -21.39
O4 GLA T . -20.50 38.88 -19.57
O5 GLA T . -22.51 38.86 -17.34
O6 GLA T . -19.78 39.01 -17.20
C1 GLA U . -17.23 12.38 2.30
C2 GLA U . -16.59 11.25 1.42
C3 GLA U . -17.51 10.57 0.33
C4 GLA U . -18.95 10.36 0.75
C5 GLA U . -19.42 11.56 1.51
C6 GLA U . -20.92 11.24 1.87
O2 GLA U . -15.22 11.53 0.99
O3 GLA U . -16.98 9.28 -0.02
O4 GLA U . -19.12 9.40 1.78
O5 GLA U . -18.52 11.93 2.64
O6 GLA U . -21.40 12.02 2.95
C1 GLA U . -19.72 8.10 1.57
C2 GLA U . -19.83 7.27 2.89
C3 GLA U . -18.68 6.27 3.20
C4 GLA U . -18.03 5.64 1.94
C5 GLA U . -17.90 6.61 0.76
C6 GLA U . -17.48 5.92 -0.55
O2 GLA U . -20.06 8.09 4.03
O3 GLA U . -19.08 5.20 4.04
O4 GLA U . -18.61 4.41 1.60
O5 GLA U . -19.11 7.33 0.52
O6 GLA U . -18.30 4.87 -1.03
C1 GLC V . -33.24 -0.71 12.96
C2 GLC V . -31.88 -1.19 12.46
C3 GLC V . -31.27 -0.13 11.55
C4 GLC V . -32.15 0.43 10.44
C5 GLC V . -33.47 0.83 11.11
C6 GLC V . -34.52 1.36 10.10
O1 GLC V . -34.04 -1.59 13.77
O2 GLC V . -30.99 -1.08 13.53
O3 GLC V . -30.00 -0.47 11.10
O4 GLC V . -31.54 1.59 9.87
O5 GLC V . -33.95 -0.34 11.79
O6 GLC V . -34.77 0.35 9.16
C1 GAL V . -31.73 1.66 8.46
C2 GAL V . -31.36 3.02 7.86
C3 GAL V . -31.38 3.07 6.33
C4 GAL V . -30.45 1.99 5.68
C5 GAL V . -30.76 0.68 6.44
C6 GAL V . -29.94 -0.49 5.93
O2 GAL V . -31.87 4.17 8.46
O3 GAL V . -30.88 4.36 6.01
O4 GAL V . -29.07 2.32 5.86
O5 GAL V . -30.82 0.69 7.93
O6 GAL V . -30.91 -1.54 5.91
C1 GLA V . -28.12 2.15 4.78
C2 GLA V . -26.66 1.97 5.33
C3 GLA V . -26.21 3.25 5.89
C4 GLA V . -26.31 4.26 4.81
C5 GLA V . -27.73 4.36 4.15
C6 GLA V . -27.84 5.42 3.02
O2 GLA V . -26.61 1.15 6.48
O3 GLA V . -24.87 3.21 6.29
O4 GLA V . -25.17 3.99 4.07
O5 GLA V . -28.19 3.12 3.73
O6 GLA V . -27.30 4.82 1.86
C1 GLA W . 15.84 -7.14 -4.13
C2 GLA W . 16.15 -7.89 -2.80
C3 GLA W . 16.62 -7.05 -1.59
C4 GLA W . 17.45 -5.79 -1.86
C5 GLA W . 17.00 -5.14 -3.19
C6 GLA W . 18.01 -4.02 -3.51
O2 GLA W . 15.05 -8.61 -2.30
O3 GLA W . 17.28 -7.98 -0.77
O4 GLA W . 18.85 -6.05 -1.95
O5 GLA W . 16.78 -6.06 -4.30
O6 GLA W . 18.04 -3.70 -4.88
C1 GLA W . 19.93 -5.63 -0.99
C2 GLA W . 21.28 -5.99 -1.67
C3 GLA W . 21.29 -7.53 -1.81
C4 GLA W . 21.56 -8.09 -0.43
C5 GLA W . 20.46 -7.56 0.53
C6 GLA W . 20.79 -7.96 1.98
O2 GLA W . 21.44 -5.29 -2.89
O3 GLA W . 22.03 -8.17 -2.83
O4 GLA W . 22.83 -7.69 0.00
O5 GLA W . 20.04 -6.16 0.36
O6 GLA W . 21.37 -6.92 2.73
C1 GLA X . 18.00 -16.05 -1.17
C2 GLA X . 16.66 -15.56 -0.58
C3 GLA X . 16.73 -14.65 0.72
C4 GLA X . 17.97 -14.81 1.70
C5 GLA X . 19.19 -15.29 0.85
C6 GLA X . 20.44 -15.58 1.70
O2 GLA X . 15.94 -14.98 -1.65
O3 GLA X . 15.49 -14.76 1.43
O4 GLA X . 17.72 -15.43 3.00
O5 GLA X . 18.92 -16.35 -0.11
O6 GLA X . 21.45 -16.26 0.98
C1 GLA X . 18.62 -16.40 3.69
C2 GLA X . 18.36 -17.88 3.22
C3 GLA X . 17.31 -18.69 4.04
C4 GLA X . 17.46 -18.49 5.54
C5 GLA X . 17.52 -16.99 5.84
C6 GLA X . 17.43 -16.83 7.36
O2 GLA X . 17.97 -17.92 1.86
O3 GLA X . 17.30 -20.10 3.85
O4 GLA X . 18.60 -19.17 6.01
O5 GLA X . 18.64 -16.36 5.14
O6 GLA X . 16.90 -15.59 7.63
C1 GLC Y . 29.36 -33.02 8.69
C2 GLC Y . 28.63 -32.61 9.95
C3 GLC Y . 27.91 -31.34 9.50
C4 GLC Y . 29.06 -30.36 9.12
C5 GLC Y . 30.38 -30.85 8.46
C6 GLC Y . 31.61 -29.95 8.84
O1 GLC Y . 29.54 -34.40 8.78
O2 GLC Y . 27.81 -33.65 10.46
O3 GLC Y . 27.11 -30.77 10.53
O4 GLC Y . 28.57 -29.31 8.30
O5 GLC Y . 30.58 -32.27 8.61
O6 GLC Y . 31.81 -29.59 10.21
C1 GAL Y . 28.51 -28.17 9.16
C2 GAL Y . 28.61 -26.87 8.38
C3 GAL Y . 28.67 -25.82 9.44
C4 GAL Y . 27.48 -25.90 10.43
C5 GAL Y . 27.61 -27.28 11.08
C6 GAL Y . 26.76 -27.54 12.29
O2 GAL Y . 29.82 -26.82 7.65
O3 GAL Y . 28.84 -24.63 8.75
O4 GAL Y . 26.19 -25.78 9.82
O5 GAL Y . 27.37 -28.21 10.05
O6 GAL Y . 27.45 -26.94 13.36
C1 GLA Y . 25.34 -24.65 10.32
C2 GLA Y . 23.90 -24.95 9.98
C3 GLA Y . 23.81 -25.02 8.44
C4 GLA Y . 24.58 -23.92 7.63
C5 GLA Y . 25.76 -23.28 8.39
C6 GLA Y . 26.19 -21.90 7.86
O2 GLA Y . 23.43 -26.13 10.64
O3 GLA Y . 22.46 -25.26 8.04
O4 GLA Y . 23.84 -22.85 7.06
O5 GLA Y . 25.51 -23.31 9.80
O6 GLA Y . 25.15 -20.95 7.97
C1 GLA Z . 8.51 -17.55 3.13
C2 GLA Z . 8.41 -16.12 3.74
C3 GLA Z . 9.04 -16.06 5.21
C4 GLA Z . 8.74 -17.27 6.15
C5 GLA Z . 9.02 -18.56 5.33
C6 GLA Z . 8.69 -19.87 6.01
O2 GLA Z . 8.90 -15.21 2.73
O3 GLA Z . 8.74 -14.87 5.90
O4 GLA Z . 7.43 -17.17 6.79
O5 GLA Z . 8.32 -18.63 4.08
O6 GLA Z . 9.49 -20.03 7.15
C1 GLA Z . 7.12 -17.55 8.22
C2 GLA Z . 6.14 -18.74 8.57
C3 GLA Z . 4.59 -18.54 8.40
C4 GLA Z . 4.09 -17.04 8.51
C5 GLA Z . 5.27 -15.96 8.62
C6 GLA Z . 5.00 -14.74 9.52
O2 GLA Z . 6.46 -19.99 7.96
O3 GLA Z . 3.79 -19.50 9.16
O4 GLA Z . 2.95 -16.97 9.38
O5 GLA Z . 6.56 -16.47 8.97
O6 GLA Z . 5.87 -14.53 10.62
C2 BGC AA . -6.19 -28.43 18.96
C3 BGC AA . -5.20 -28.33 17.82
C4 BGC AA . -3.81 -28.22 18.42
C5 BGC AA . -3.50 -29.55 19.18
C6 BGC AA . -2.25 -29.55 20.10
C1 BGC AA . -5.97 -29.68 19.82
O1 BGC AA . -6.32 -29.36 21.15
O2 BGC AA . -7.45 -28.46 18.37
O3 BGC AA . -5.59 -27.22 17.09
O4 BGC AA . -2.86 -27.93 17.39
O5 BGC AA . -4.62 -30.18 19.84
O6 BGC AA . -2.61 -29.64 21.47
C1 GLA AA . -1.68 -27.31 17.94
C2 GLA AA . -0.44 -27.44 17.04
C3 GLA AA . 0.79 -26.97 17.82
C4 GLA AA . 0.56 -25.50 18.25
C5 GLA AA . -0.80 -25.34 18.96
C6 GLA AA . -1.15 -23.90 19.31
O2 GLA AA . -0.24 -28.77 16.62
O3 GLA AA . 2.00 -27.21 17.08
O4 GLA AA . 0.58 -24.69 17.09
O5 GLA AA . -1.87 -25.93 18.21
O6 GLA AA . -2.27 -23.93 20.15
C1 GLA AA . 0.80 -23.28 17.23
C2 GLA AA . -0.11 -22.67 16.17
C3 GLA AA . 0.25 -23.28 14.85
C4 GLA AA . 1.72 -23.11 14.55
C5 GLA AA . 2.54 -23.63 15.71
C6 GLA AA . 4.01 -23.47 15.39
O2 GLA AA . -1.43 -23.11 16.37
O3 GLA AA . -0.44 -22.58 13.88
O4 GLA AA . 1.99 -21.75 14.44
O5 GLA AA . 2.13 -22.96 16.88
O6 GLA AA . 4.57 -22.49 16.22
C2 BGC BA . 1.36 -40.91 16.67
C3 BGC BA . 0.08 -41.11 17.44
C4 BGC BA . 0.30 -40.61 18.87
C5 BGC BA . 0.56 -39.07 18.80
C6 BGC BA . 1.09 -38.40 20.10
C1 BGC BA . 1.75 -39.43 16.58
O1 BGC BA . 3.16 -39.34 16.56
O2 BGC BA . 1.13 -41.44 15.41
O3 BGC BA . -0.18 -42.47 17.36
O4 BGC BA . -0.81 -40.97 19.68
O5 BGC BA . 1.28 -38.59 17.64
O6 BGC BA . 2.43 -37.95 19.95
C1 GLA BA . -0.43 -41.00 21.08
C2 GLA BA . -1.62 -40.85 22.04
C3 GLA BA . -1.08 -40.65 23.46
C4 GLA BA . -0.22 -41.89 23.82
C5 GLA BA . 0.83 -42.16 22.73
C6 GLA BA . 1.65 -43.42 22.97
O2 GLA BA . -2.43 -39.75 21.69
O3 GLA BA . -2.14 -40.36 24.37
O4 GLA BA . -1.08 -43.01 23.95
O5 GLA BA . 0.26 -42.20 21.42
O6 GLA BA . 2.71 -43.42 22.04
C1 GLA BA . -0.60 -44.17 24.66
C2 GLA BA . -1.17 -45.33 23.87
C3 GLA BA . -2.66 -45.16 23.79
C4 GLA BA . -3.26 -44.99 25.16
C5 GLA BA . -2.56 -43.89 25.92
C6 GLA BA . -3.18 -43.74 27.29
O2 GLA BA . -0.77 -45.25 22.53
O3 GLA BA . -3.18 -46.31 23.25
O4 GLA BA . -3.06 -46.17 25.87
O5 GLA BA . -1.17 -44.19 25.95
O6 GLA BA . -2.28 -44.17 28.27
C1 GLC CA . 3.85 -12.22 -1.83
C2 GLC CA . 2.44 -12.12 -1.19
C3 GLC CA . 2.35 -11.00 -0.18
C4 GLC CA . 3.56 -11.03 0.73
C5 GLC CA . 4.80 -11.08 -0.22
C6 GLC CA . 6.16 -10.79 0.39
O1 GLC CA . 4.15 -13.17 -2.83
O2 GLC CA . 1.47 -11.73 -2.15
O3 GLC CA . 1.19 -11.00 0.61
O4 GLC CA . 3.48 -9.89 1.57
O5 GLC CA . 4.74 -12.40 -0.76
O6 GLC CA . 5.83 -11.38 1.64
C1 GAL CA . 3.17 -10.18 2.93
C2 GAL CA . 3.41 -8.78 3.40
C3 GAL CA . 3.15 -8.73 4.88
C4 GAL CA . 1.64 -9.11 5.10
C5 GAL CA . 1.27 -10.57 4.65
C6 GAL CA . -0.18 -10.98 4.22
O2 GAL CA . 4.76 -8.55 3.09
O3 GAL CA . 3.54 -7.42 5.24
O4 GAL CA . 0.94 -8.10 4.33
O5 GAL CA . 1.87 -10.73 3.34
O6 GAL CA . -1.43 -11.32 4.95
C1 GLA CA . 0.33 -6.91 5.00
C2 GLA CA . -0.79 -6.38 4.08
C3 GLA CA . -0.18 -5.42 3.04
C4 GLA CA . 0.40 -4.22 3.79
C5 GLA CA . 1.58 -4.74 4.64
C6 GLA CA . 2.38 -3.64 5.37
O2 GLA CA . -1.60 -7.41 3.50
O3 GLA CA . -1.13 -4.89 2.14
O4 GLA CA . -0.57 -3.46 4.49
O5 GLA CA . 1.24 -5.83 5.47
O6 GLA CA . 3.15 -4.31 6.32
C1 GLC DA . -17.48 2.32 6.43
C2 GLC DA . -16.15 2.98 6.17
C3 GLC DA . -15.00 1.98 6.34
C4 GLC DA . -15.28 1.20 7.63
C5 GLC DA . -16.68 0.67 7.73
C6 GLC DA . -16.80 -0.07 9.05
O1 GLC DA . -18.59 3.18 6.23
O2 GLC DA . -16.21 3.60 4.92
O3 GLC DA . -13.68 2.57 6.52
O4 GLC DA . -14.45 0.06 7.70
O5 GLC DA . -17.46 1.84 7.74
O6 GLC DA . -16.31 0.73 10.10
C1 GAL DA . -13.38 0.06 8.64
C2 GAL DA . -12.77 -1.30 8.74
C3 GAL DA . -11.82 -1.45 9.90
C4 GAL DA . -10.91 -0.19 9.85
C5 GAL DA . -11.63 1.14 9.57
C6 GAL DA . -10.88 2.50 9.49
O2 GAL DA . -13.80 -2.24 8.72
O3 GAL DA . -11.11 -2.69 9.70
O4 GAL DA . -10.09 -0.41 8.73
O5 GAL DA . -12.27 0.86 8.32
O6 GAL DA . -11.37 3.44 8.44
C1 GLA DA . -8.68 -0.57 9.04
C2 GLA DA . -7.87 -0.31 7.76
C3 GLA DA . -8.06 -1.49 6.82
C4 GLA DA . -7.46 -2.70 7.53
C5 GLA DA . -8.17 -2.96 8.87
C6 GLA DA . -7.31 -3.89 9.71
O2 GLA DA . -8.29 0.91 7.16
O3 GLA DA . -7.47 -1.26 5.56
O4 GLA DA . -6.07 -2.49 7.64
O5 GLA DA . -8.30 -1.80 9.68
O6 GLA DA . -6.22 -3.05 10.11
O15 S10 EA . -7.40 8.76 -3.96
C10 S10 EA . -7.86 8.96 -2.84
O11 S10 EA . -7.97 7.86 -1.91
C12 S10 EA . -6.86 7.01 -1.75
C13 S10 EA . -7.33 5.89 -0.89
N9 S10 EA . -8.45 10.06 -2.44
C8 S10 EA . -9.18 10.84 -3.38
C7 S10 EA . -10.53 10.14 -3.57
C6 S10 EA . -11.72 11.05 -3.19
N5 S10 EA . -12.23 10.94 -1.82
C4 S10 EA . -11.63 11.28 -0.65
O14 S10 EA . -10.45 11.54 -0.40
O3 S10 EA . -12.60 11.41 0.44
C2 S10 EA . -12.98 12.66 1.08
C1 S10 EA . -14.41 12.57 1.57
C1 GLA FA . -4.16 16.58 -9.94
C2 GLA FA . -3.86 17.88 -10.71
C3 GLA FA . -5.07 18.83 -10.50
C4 GLA FA . -6.54 18.23 -10.79
C5 GLA FA . -6.79 16.93 -10.05
C6 GLA FA . -8.04 16.15 -10.58
O2 GLA FA . -2.69 18.49 -10.26
O3 GLA FA . -4.74 20.12 -11.00
O4 GLA FA . -6.82 17.73 -12.08
O5 GLA FA . -5.57 16.15 -10.21
O6 GLA FA . -8.59 16.43 -11.89
O15 S10 GA . 3.57 30.19 -16.78
C10 S10 GA . 3.56 30.23 -18.02
O11 S10 GA . 2.64 29.30 -18.73
C12 S10 GA . 2.79 27.86 -18.61
C13 S10 GA . 2.89 27.14 -19.96
N9 S10 GA . 4.37 31.03 -18.80
C8 S10 GA . 5.48 31.87 -18.38
C7 S10 GA . 6.73 30.97 -18.47
C6 S10 GA . 8.00 31.43 -19.26
N5 S10 GA . 7.86 31.51 -20.71
C4 S10 GA . 8.00 32.64 -21.42
O14 S10 GA . 8.53 33.69 -21.00
O3 S10 GA . 7.36 32.57 -22.75
C2 S10 GA . 7.68 33.46 -23.79
C1 S10 GA . 9.17 33.43 -23.97
O15 S10 HA . -24.33 31.07 -10.04
C10 S10 HA . -24.16 30.05 -10.71
O11 S10 HA . -24.70 28.85 -10.11
C12 S10 HA . -25.24 29.10 -8.81
C13 S10 HA . -26.55 29.85 -8.94
N9 S10 HA . -23.50 29.94 -11.86
C8 S10 HA . -22.82 31.08 -12.43
C7 S10 HA . -22.45 30.71 -13.72
C6 S10 HA . -23.08 30.58 -14.95
N5 S10 HA . -23.25 31.92 -15.47
C4 S10 HA . -24.02 32.13 -16.54
O14 S10 HA . -24.69 31.30 -17.16
O3 S10 HA . -24.04 33.46 -17.10
C2 S10 HA . -24.78 33.49 -18.34
C1 S10 HA . -26.27 33.38 -18.04
O15 S10 IA . -31.53 9.51 6.50
C10 S10 IA . -30.76 8.50 6.33
O11 S10 IA . -30.78 7.24 7.20
C12 S10 IA . -31.29 7.01 8.58
C13 S10 IA . -31.37 5.51 8.93
O15 S10 JA . 12.88 -4.15 -4.24
C10 S10 JA . 11.84 -4.50 -3.66
O11 S10 JA . 12.09 -5.02 -2.29
C12 S10 JA . 11.10 -5.27 -1.28
C13 S10 JA . 10.04 -6.25 -1.71
N9 S10 JA . 10.60 -4.56 -4.23
C8 S10 JA . 10.25 -4.60 -5.68
C7 S10 JA . 9.64 -6.00 -6.09
C6 S10 JA . 9.49 -7.11 -4.97
O15 S10 KA . -1.05 -33.14 15.27
C10 S10 KA . -1.08 -32.23 16.07
O11 S10 KA . -0.23 -31.09 15.81
C12 S10 KA . -0.47 -30.16 14.74
C13 S10 KA . -0.24 -28.71 15.18
N9 S10 KA . -1.85 -32.26 17.15
C8 S10 KA . -2.69 -33.43 17.46
C7 S10 KA . -1.98 -34.51 18.34
C6 S10 KA . -2.32 -35.98 17.94
N5 S10 KA . -2.49 -36.89 19.07
C4 S10 KA . -3.69 -37.09 19.62
O14 S10 KA . -4.70 -36.53 19.22
O3 S10 KA . -3.82 -37.96 20.77
C2 S10 KA . -4.50 -39.22 20.71
C1 S10 KA . -3.74 -40.30 21.49
S SO4 LA . 0.29 -33.65 21.18
O1 SO4 LA . 0.68 -33.89 19.79
O2 SO4 LA . -1.17 -33.81 21.25
O3 SO4 LA . 0.93 -34.66 22.05
O4 SO4 LA . 0.64 -32.27 21.55
O15 S10 MA . -12.66 -5.36 7.65
C10 S10 MA . -11.69 -4.80 7.13
O11 S10 MA . -11.81 -3.62 6.26
C12 S10 MA . -13.10 -2.96 6.08
C13 S10 MA . -13.93 -2.92 7.41
N9 S10 MA . -10.43 -5.20 7.32
C8 S10 MA . -10.12 -6.25 8.28
C7 S10 MA . -10.78 -7.51 7.79
C6 S10 MA . -9.87 -8.69 7.87
N5 S10 MA . -8.48 -8.55 7.45
C4 S10 MA . -7.86 -9.65 7.84
O14 S10 MA . -8.58 -10.46 8.38
O3 S10 MA . -6.46 -9.96 7.75
C2 S10 MA . -5.77 -10.94 8.57
C1 S10 MA . -6.21 -12.41 8.49
O15 S10 NA . 10.14 -8.62 2.39
C10 S10 NA . 9.67 -7.71 1.74
O11 S10 NA . 8.26 -7.96 1.47
C12 S10 NA . 7.17 -7.17 2.04
C13 S10 NA . 5.87 -7.95 2.31
#